data_3S6L
#
_entry.id   3S6L
#
_cell.length_a   144.000
_cell.length_b   144.000
_cell.length_c   144.000
_cell.angle_alpha   90.000
_cell.angle_beta   90.000
_cell.angle_gamma   90.000
#
_symmetry.space_group_name_H-M   'P 21 3'
#
loop_
_entity.id
_entity.type
_entity.pdbx_description
1 polymer 'Hep_Hag family'
2 non-polymer 'IODIDE ION'
3 non-polymer 'ZINC ION'
4 non-polymer 'CHLORIDE ION'
5 water water
#
_entity_poly.entity_id   1
_entity_poly.type   'polypeptide(L)'
_entity_poly.pdbx_seq_one_letter_code
;GPGSMSLSTAVSGGGVRTSSLGDTSAGNGANASGGNGTAVGGAASASGTDATALGQASNASGNHSTALGQASSASGSGST
AVGQGAGAPGDGASAFGQGALASGTDSTALGAHSTAAAPNSAAIGANSVASAPNSVSFGSRGHERRLTNVAPGIDGTDAA
NMNQLWGVQSSVDQAARR
;
_entity_poly.pdbx_strand_id   A,B,C,D,E
#
# COMPACT_ATOMS: atom_id res chain seq x y z
N VAL A 16 -14.67 -13.68 -26.42
CA VAL A 16 -13.22 -13.43 -26.05
C VAL A 16 -12.39 -12.90 -27.23
N ARG A 17 -11.97 -11.64 -27.18
CA ARG A 17 -11.12 -11.11 -28.25
C ARG A 17 -9.67 -11.04 -27.78
N THR A 18 -8.74 -11.35 -28.66
CA THR A 18 -7.33 -11.33 -28.30
C THR A 18 -6.51 -10.53 -29.32
N SER A 19 -5.40 -9.92 -28.89
CA SER A 19 -4.53 -9.25 -29.87
C SER A 19 -3.17 -9.98 -29.95
N SER A 20 -2.40 -9.66 -30.98
CA SER A 20 -1.03 -10.14 -31.13
C SER A 20 -0.08 -9.47 -30.12
N LEU A 21 -0.59 -8.50 -29.37
CA LEU A 21 0.26 -7.76 -28.42
C LEU A 21 -0.14 -8.09 -26.96
N GLY A 22 -0.71 -9.27 -26.79
CA GLY A 22 -1.03 -9.83 -25.50
C GLY A 22 -2.26 -9.26 -24.80
N ASP A 23 -3.17 -8.62 -25.53
CA ASP A 23 -4.40 -8.10 -24.94
C ASP A 23 -5.50 -9.14 -24.95
N THR A 24 -6.37 -9.11 -23.92
CA THR A 24 -7.57 -9.95 -23.83
C THR A 24 -8.75 -9.15 -23.36
N SER A 25 -9.88 -9.30 -24.03
CA SER A 25 -11.12 -8.69 -23.55
C SER A 25 -12.34 -9.58 -23.75
N ALA A 26 -13.26 -9.50 -22.79
CA ALA A 26 -14.55 -10.21 -22.87
C ALA A 26 -15.62 -9.33 -22.23
N GLY A 27 -16.78 -9.26 -22.88
CA GLY A 27 -17.93 -8.47 -22.41
C GLY A 27 -18.36 -7.50 -23.49
N ASN A 28 -19.63 -7.09 -23.49
CA ASN A 28 -20.08 -6.06 -24.44
C ASN A 28 -19.27 -4.78 -24.31
N GLY A 29 -18.56 -4.41 -25.39
CA GLY A 29 -17.78 -3.16 -25.40
C GLY A 29 -16.51 -3.21 -24.54
N ALA A 30 -16.09 -4.41 -24.13
CA ALA A 30 -14.84 -4.55 -23.39
C ALA A 30 -13.64 -4.27 -24.30
N ASN A 31 -12.63 -3.59 -23.79
CA ASN A 31 -11.51 -3.20 -24.65
C ASN A 31 -10.19 -3.08 -23.89
N ALA A 32 -9.22 -3.86 -24.35
CA ALA A 32 -7.90 -3.87 -23.79
C ALA A 32 -7.01 -3.46 -24.95
N SER A 33 -6.44 -2.27 -24.89
CA SER A 33 -5.72 -1.76 -26.05
C SER A 33 -4.30 -1.26 -25.76
N GLY A 34 -3.73 -1.58 -24.61
CA GLY A 34 -2.49 -0.95 -24.23
C GLY A 34 -1.25 -1.81 -24.40
N GLY A 35 -1.43 -3.11 -24.60
CA GLY A 35 -0.32 -4.05 -24.63
C GLY A 35 -0.37 -4.77 -23.30
N ASN A 36 -0.39 -6.11 -23.37
CA ASN A 36 -0.54 -6.98 -22.21
C ASN A 36 -1.72 -6.55 -21.33
N GLY A 37 -2.79 -6.11 -21.97
CA GLY A 37 -3.97 -5.64 -21.27
C GLY A 37 -5.00 -6.72 -21.11
N THR A 38 -5.85 -6.56 -20.09
CA THR A 38 -6.94 -7.48 -19.87
C THR A 38 -8.09 -6.68 -19.37
N ALA A 39 -9.25 -6.92 -19.96
CA ALA A 39 -10.41 -6.09 -19.66
C ALA A 39 -11.59 -7.01 -19.72
N VAL A 40 -12.21 -7.25 -18.56
CA VAL A 40 -13.30 -8.20 -18.50
C VAL A 40 -14.52 -7.59 -17.82
N GLY A 41 -15.64 -7.57 -18.56
CA GLY A 41 -16.87 -6.94 -18.09
C GLY A 41 -17.50 -5.97 -19.08
N GLY A 42 -18.78 -5.68 -18.87
CA GLY A 42 -19.53 -4.73 -19.72
C GLY A 42 -18.84 -3.38 -19.71
N ALA A 43 -18.44 -2.92 -20.90
CA ALA A 43 -17.74 -1.66 -21.04
C ALA A 43 -16.47 -1.58 -20.17
N ALA A 44 -15.91 -2.73 -19.76
CA ALA A 44 -14.60 -2.71 -19.08
C ALA A 44 -13.53 -2.15 -20.02
N SER A 45 -12.62 -1.36 -19.47
CA SER A 45 -11.59 -0.77 -20.29
C SER A 45 -10.17 -0.88 -19.71
N ALA A 46 -9.22 -1.35 -20.49
CA ALA A 46 -7.86 -1.37 -20.02
C ALA A 46 -6.97 -0.70 -21.09
N SER A 47 -6.78 0.62 -20.98
CA SER A 47 -6.06 1.36 -22.02
C SER A 47 -4.59 1.65 -21.70
N GLY A 48 -4.18 1.53 -20.43
CA GLY A 48 -2.78 1.82 -20.04
C GLY A 48 -1.90 0.64 -20.46
N THR A 49 -0.59 0.81 -20.51
CA THR A 49 0.23 -0.37 -20.80
C THR A 49 0.19 -1.36 -19.61
N ASP A 50 0.13 -2.68 -19.89
CA ASP A 50 0.19 -3.72 -18.84
C ASP A 50 -0.97 -3.55 -17.83
N ALA A 51 -2.15 -3.21 -18.35
CA ALA A 51 -3.23 -2.76 -17.48
C ALA A 51 -4.26 -3.87 -17.35
N THR A 52 -4.97 -3.91 -16.23
CA THR A 52 -5.91 -5.00 -15.96
C THR A 52 -7.18 -4.42 -15.34
N ALA A 53 -8.31 -4.64 -16.01
CA ALA A 53 -9.62 -4.13 -15.57
C ALA A 53 -10.60 -5.28 -15.46
N LEU A 54 -11.29 -5.37 -14.34
CA LEU A 54 -12.30 -6.40 -14.19
C LEU A 54 -13.55 -5.75 -13.60
N GLY A 55 -14.68 -6.00 -14.24
CA GLY A 55 -15.97 -5.50 -13.76
C GLY A 55 -16.62 -4.53 -14.73
N GLN A 56 -17.94 -4.37 -14.64
CA GLN A 56 -18.66 -3.48 -15.57
C GLN A 56 -18.20 -2.02 -15.34
N ALA A 57 -18.00 -1.29 -16.42
CA ALA A 57 -17.43 0.08 -16.39
C ALA A 57 -16.08 0.23 -15.65
N SER A 58 -15.39 -0.87 -15.35
CA SER A 58 -14.06 -0.75 -14.72
C SER A 58 -13.09 -0.08 -15.70
N ASN A 59 -12.12 0.62 -15.15
CA ASN A 59 -11.28 1.46 -15.98
C ASN A 59 -9.84 1.51 -15.49
N ALA A 60 -8.97 0.82 -16.22
CA ALA A 60 -7.56 0.79 -15.90
C ALA A 60 -6.78 1.55 -16.95
N SER A 61 -6.73 2.88 -16.81
CA SER A 61 -6.16 3.70 -17.87
C SER A 61 -4.74 4.14 -17.55
N GLY A 62 -4.32 3.99 -16.30
CA GLY A 62 -2.92 4.22 -16.00
C GLY A 62 -2.04 3.13 -16.60
N ASN A 63 -0.80 3.48 -16.89
CA ASN A 63 0.18 2.47 -17.23
C ASN A 63 0.44 1.61 -15.95
N HIS A 64 0.52 0.29 -16.13
CA HIS A 64 0.69 -0.65 -14.99
C HIS A 64 -0.42 -0.50 -13.93
N SER A 65 -1.64 -0.20 -14.38
CA SER A 65 -2.75 0.01 -13.45
C SER A 65 -3.65 -1.22 -13.37
N THR A 66 -4.34 -1.35 -12.24
CA THR A 66 -5.18 -2.50 -12.01
C THR A 66 -6.50 -2.01 -11.40
N ALA A 67 -7.61 -2.25 -12.07
CA ALA A 67 -8.90 -1.76 -11.57
C ALA A 67 -9.88 -2.91 -11.49
N LEU A 68 -10.28 -3.30 -10.28
CA LEU A 68 -11.07 -4.55 -10.13
C LEU A 68 -12.27 -4.25 -9.26
N GLY A 69 -13.45 -4.40 -9.84
CA GLY A 69 -14.68 -4.02 -9.17
C GLY A 69 -15.50 -3.17 -10.11
N GLN A 70 -16.82 -3.24 -9.99
CA GLN A 70 -17.72 -2.49 -10.85
C GLN A 70 -17.46 -1.00 -10.67
N ALA A 71 -17.29 -0.29 -11.78
CA ALA A 71 -17.03 1.14 -11.77
C ALA A 71 -15.75 1.51 -11.02
N SER A 72 -14.79 0.60 -10.83
CA SER A 72 -13.52 1.03 -10.23
C SER A 72 -12.67 1.80 -11.25
N SER A 73 -11.72 2.58 -10.77
CA SER A 73 -10.89 3.38 -11.67
C SER A 73 -9.47 3.46 -11.13
N ALA A 74 -8.50 3.20 -11.99
CA ALA A 74 -7.09 3.31 -11.65
C ALA A 74 -6.44 4.05 -12.80
N SER A 75 -6.39 5.38 -12.71
CA SER A 75 -5.94 6.22 -13.82
C SER A 75 -4.52 6.73 -13.59
N GLY A 76 -4.05 6.61 -12.36
CA GLY A 76 -2.69 6.96 -12.04
C GLY A 76 -1.70 5.94 -12.58
N SER A 77 -0.47 6.40 -12.81
CA SER A 77 0.62 5.52 -13.21
C SER A 77 0.93 4.54 -12.09
N GLY A 78 0.89 3.24 -12.37
CA GLY A 78 1.22 2.22 -11.35
C GLY A 78 0.21 2.22 -10.22
N SER A 79 -1.04 2.51 -10.55
CA SER A 79 -2.11 2.59 -9.55
C SER A 79 -2.95 1.30 -9.52
N THR A 80 -3.60 1.07 -8.38
CA THR A 80 -4.36 -0.15 -8.15
C THR A 80 -5.62 0.29 -7.39
N ALA A 81 -6.78 -0.10 -7.90
CA ALA A 81 -8.05 0.21 -7.23
C ALA A 81 -8.85 -1.07 -7.19
N VAL A 82 -9.21 -1.52 -5.99
CA VAL A 82 -9.91 -2.80 -5.83
C VAL A 82 -11.10 -2.61 -4.87
N GLY A 83 -12.30 -2.86 -5.41
CA GLY A 83 -13.55 -2.64 -4.69
C GLY A 83 -14.51 -1.91 -5.63
N GLN A 84 -15.81 -2.16 -5.46
CA GLN A 84 -16.77 -1.44 -6.28
C GLN A 84 -16.55 0.07 -6.08
N GLY A 85 -16.53 0.80 -7.19
CA GLY A 85 -16.39 2.26 -7.13
C GLY A 85 -15.10 2.75 -6.46
N ALA A 86 -14.07 1.90 -6.35
CA ALA A 86 -12.80 2.32 -5.78
C ALA A 86 -12.01 3.13 -6.79
N GLY A 87 -11.21 4.07 -6.29
CA GLY A 87 -10.49 4.98 -7.16
C GLY A 87 -9.04 5.19 -6.77
N ALA A 88 -8.17 5.17 -7.77
CA ALA A 88 -6.75 5.48 -7.56
C ALA A 88 -6.20 6.39 -8.65
N PRO A 89 -6.55 7.70 -8.64
CA PRO A 89 -5.99 8.60 -9.69
C PRO A 89 -4.53 8.98 -9.47
N GLY A 90 -3.99 8.70 -8.30
CA GLY A 90 -2.64 9.13 -8.00
C GLY A 90 -1.60 8.17 -8.57
N ASP A 91 -0.44 8.74 -8.93
CA ASP A 91 0.72 7.94 -9.34
C ASP A 91 1.23 7.15 -8.11
N GLY A 92 1.36 5.85 -8.27
CA GLY A 92 1.80 4.99 -7.18
C GLY A 92 0.74 4.77 -6.09
N ALA A 93 -0.52 5.01 -6.45
CA ALA A 93 -1.62 4.96 -5.49
C ALA A 93 -2.34 3.62 -5.47
N SER A 94 -2.74 3.16 -4.27
CA SER A 94 -3.41 1.87 -4.10
C SER A 94 -4.61 2.01 -3.18
N ALA A 95 -5.79 1.64 -3.69
CA ALA A 95 -7.04 1.74 -2.94
C ALA A 95 -7.71 0.38 -2.87
N PHE A 96 -8.05 -0.03 -1.66
CA PHE A 96 -8.71 -1.29 -1.36
C PHE A 96 -9.97 -1.03 -0.53
N GLY A 97 -11.11 -1.47 -1.06
CA GLY A 97 -12.33 -1.41 -0.33
C GLY A 97 -13.34 -0.63 -1.15
N GLN A 98 -14.61 -0.92 -0.96
CA GLN A 98 -15.63 -0.27 -1.76
C GLN A 98 -15.57 1.25 -1.54
N GLY A 99 -15.55 2.04 -2.64
CA GLY A 99 -15.55 3.53 -2.56
C GLY A 99 -14.30 4.12 -1.93
N ALA A 100 -13.23 3.32 -1.85
CA ALA A 100 -11.97 3.77 -1.29
C ALA A 100 -11.30 4.65 -2.34
N LEU A 101 -10.59 5.69 -1.90
CA LEU A 101 -9.92 6.60 -2.86
C LEU A 101 -8.48 6.88 -2.39
N ALA A 102 -7.52 6.55 -3.22
CA ALA A 102 -6.14 6.88 -2.93
C ALA A 102 -5.75 7.85 -4.03
N SER A 103 -5.82 9.14 -3.72
CA SER A 103 -5.66 10.17 -4.75
C SER A 103 -4.30 10.83 -4.68
N GLY A 104 -3.67 10.86 -3.49
CA GLY A 104 -2.32 11.41 -3.34
C GLY A 104 -1.31 10.58 -4.11
N THR A 105 -0.27 11.24 -4.62
CA THR A 105 0.90 10.51 -5.13
C THR A 105 1.38 9.55 -4.04
N ASP A 106 1.56 8.26 -4.38
CA ASP A 106 2.16 7.30 -3.46
C ASP A 106 1.32 7.10 -2.21
N SER A 107 0.00 7.23 -2.37
CA SER A 107 -0.91 7.06 -1.25
C SER A 107 -1.53 5.64 -1.26
N THR A 108 -2.11 5.25 -0.13
CA THR A 108 -2.61 3.90 0.04
C THR A 108 -3.82 4.01 0.92
N ALA A 109 -4.97 3.61 0.37
CA ALA A 109 -6.25 3.68 1.07
C ALA A 109 -6.79 2.28 1.27
N LEU A 110 -6.89 1.87 2.54
CA LEU A 110 -7.27 0.50 2.89
C LEU A 110 -8.52 0.45 3.77
N GLY A 111 -9.68 0.21 3.16
CA GLY A 111 -10.94 0.20 3.90
C GLY A 111 -12.04 0.94 3.15
N ALA A 112 -13.28 0.47 3.30
CA ALA A 112 -14.41 1.04 2.56
C ALA A 112 -14.53 2.52 2.85
N HIS A 113 -14.64 3.33 1.80
CA HIS A 113 -14.80 4.79 1.95
C HIS A 113 -13.66 5.47 2.71
N SER A 114 -12.48 4.87 2.69
CA SER A 114 -11.28 5.52 3.21
C SER A 114 -10.73 6.42 2.10
N THR A 115 -10.04 7.48 2.49
CA THR A 115 -9.51 8.47 1.54
C THR A 115 -8.06 8.79 1.94
N ALA A 116 -7.12 8.44 1.09
CA ALA A 116 -5.73 8.81 1.30
C ALA A 116 -5.43 9.89 0.30
N ALA A 117 -5.52 11.14 0.76
CA ALA A 117 -5.54 12.28 -0.12
C ALA A 117 -4.19 12.96 -0.26
N ALA A 118 -3.41 12.98 0.82
CA ALA A 118 -2.14 13.71 0.86
C ALA A 118 -1.03 12.86 0.22
N PRO A 119 0.02 13.47 -0.37
CA PRO A 119 1.12 12.67 -0.95
C PRO A 119 1.75 11.80 0.11
N ASN A 120 2.07 10.55 -0.24
CA ASN A 120 2.84 9.67 0.63
C ASN A 120 2.13 9.31 1.94
N SER A 121 0.79 9.36 1.91
CA SER A 121 -0.01 9.08 3.09
C SER A 121 -0.71 7.76 2.97
N ALA A 122 -1.23 7.28 4.10
CA ALA A 122 -2.06 6.10 4.14
C ALA A 122 -3.27 6.28 5.04
N ALA A 123 -4.38 5.70 4.60
CA ALA A 123 -5.61 5.71 5.37
C ALA A 123 -5.97 4.27 5.63
N ILE A 124 -6.05 3.90 6.91
CA ILE A 124 -6.34 2.52 7.34
C ILE A 124 -7.69 2.49 8.07
N GLY A 125 -8.63 1.70 7.58
CA GLY A 125 -9.88 1.51 8.28
C GLY A 125 -11.01 2.17 7.51
N ALA A 126 -12.22 1.63 7.66
CA ALA A 126 -13.37 2.19 7.02
C ALA A 126 -13.54 3.71 7.36
N ASN A 127 -13.83 4.53 6.34
CA ASN A 127 -14.07 5.97 6.54
C ASN A 127 -12.85 6.76 7.04
N SER A 128 -11.68 6.13 7.13
CA SER A 128 -10.47 6.84 7.56
C SER A 128 -10.03 7.87 6.51
N VAL A 129 -9.50 9.00 7.00
CA VAL A 129 -9.04 10.06 6.10
C VAL A 129 -7.59 10.41 6.44
N ALA A 130 -6.75 10.49 5.40
CA ALA A 130 -5.36 10.90 5.55
C ALA A 130 -5.13 12.16 4.75
N SER A 131 -5.04 13.28 5.44
CA SER A 131 -4.94 14.54 4.73
C SER A 131 -3.64 15.28 5.05
N ALA A 132 -2.75 14.61 5.78
CA ALA A 132 -1.45 15.17 6.11
C ALA A 132 -0.43 14.34 5.35
N PRO A 133 0.54 15.00 4.69
CA PRO A 133 1.60 14.29 3.96
C PRO A 133 2.44 13.40 4.88
N ASN A 134 2.92 12.26 4.36
CA ASN A 134 3.88 11.40 5.08
C ASN A 134 3.33 10.94 6.42
N SER A 135 2.07 10.60 6.45
CA SER A 135 1.44 10.18 7.66
C SER A 135 0.50 9.00 7.38
N VAL A 136 0.17 8.27 8.43
CA VAL A 136 -0.74 7.12 8.31
C VAL A 136 -1.88 7.37 9.26
N SER A 137 -3.11 7.52 8.75
CA SER A 137 -4.27 7.76 9.57
C SER A 137 -5.11 6.52 9.87
N PHE A 138 -5.54 6.39 11.12
CA PHE A 138 -6.40 5.29 11.52
C PHE A 138 -7.86 5.72 11.75
N GLY A 139 -8.23 6.87 11.21
CA GLY A 139 -9.59 7.36 11.41
C GLY A 139 -9.70 8.80 10.91
N SER A 140 -10.26 9.65 11.74
CA SER A 140 -10.37 11.06 11.42
C SER A 140 -10.68 11.73 12.74
N ARG A 141 -10.73 13.05 12.75
CA ARG A 141 -10.94 13.78 14.00
C ARG A 141 -12.29 13.46 14.65
N GLY A 142 -12.27 13.15 15.95
CA GLY A 142 -13.46 12.68 16.65
C GLY A 142 -13.85 11.23 16.30
N HIS A 143 -13.11 10.60 15.38
CA HIS A 143 -13.30 9.17 15.07
C HIS A 143 -11.96 8.46 15.16
N GLU A 144 -11.29 8.57 16.29
CA GLU A 144 -9.95 7.99 16.45
C GLU A 144 -10.05 6.49 16.72
N ARG A 145 -8.99 5.74 16.42
CA ARG A 145 -9.00 4.31 16.75
C ARG A 145 -7.82 3.99 17.61
N ARG A 146 -8.02 3.09 18.58
CA ARG A 146 -6.97 2.62 19.48
C ARG A 146 -6.11 1.64 18.71
N LEU A 147 -4.77 1.69 18.87
CA LEU A 147 -3.93 0.68 18.22
C LEU A 147 -3.57 -0.36 19.27
N THR A 148 -3.88 -1.63 18.98
CA THR A 148 -3.79 -2.71 19.97
C THR A 148 -2.83 -3.82 19.54
N ASN A 149 -2.46 -4.71 20.48
CA ASN A 149 -1.45 -5.78 20.25
C ASN A 149 -0.09 -5.30 19.67
N VAL A 150 0.35 -4.18 20.22
CA VAL A 150 1.61 -3.56 19.87
C VAL A 150 2.73 -3.96 20.87
N ALA A 151 3.73 -4.69 20.38
CA ALA A 151 4.91 -5.03 21.18
C ALA A 151 5.65 -3.76 21.59
N PRO A 152 6.41 -3.81 22.71
CA PRO A 152 7.10 -2.59 23.16
C PRO A 152 8.20 -2.18 22.17
N GLY A 153 8.32 -0.88 21.93
CA GLY A 153 9.33 -0.38 21.00
C GLY A 153 10.76 -0.60 21.45
N ILE A 154 11.64 -0.75 20.47
CA ILE A 154 13.05 -1.01 20.75
C ILE A 154 13.92 0.12 20.23
N ASP A 155 13.80 0.44 18.93
CA ASP A 155 14.56 1.54 18.32
C ASP A 155 13.88 2.87 18.48
N GLY A 156 14.66 3.95 18.37
CA GLY A 156 14.11 5.31 18.54
C GLY A 156 12.79 5.53 17.80
N THR A 157 12.69 4.98 16.59
CA THR A 157 11.52 5.23 15.72
C THR A 157 10.46 4.11 15.79
N ASP A 158 10.46 3.35 16.88
CA ASP A 158 9.39 2.38 17.14
C ASP A 158 8.34 3.06 17.99
N ALA A 159 7.06 2.74 17.79
CA ALA A 159 6.00 3.20 18.69
C ALA A 159 6.22 2.75 20.15
N ALA A 160 5.81 3.60 21.09
CA ALA A 160 5.81 3.29 22.51
C ALA A 160 4.44 2.74 22.86
N ASN A 161 4.42 1.60 23.57
CA ASN A 161 3.14 1.11 24.07
C ASN A 161 2.90 1.57 25.51
N MET A 162 1.70 1.28 26.04
CA MET A 162 1.28 1.77 27.34
C MET A 162 2.12 1.24 28.51
N ASN A 163 2.50 -0.03 28.47
CA ASN A 163 3.40 -0.59 29.50
C ASN A 163 4.65 0.27 29.63
N GLN A 164 5.18 0.73 28.50
CA GLN A 164 6.38 1.53 28.48
C GLN A 164 6.12 2.92 29.04
N LEU A 165 4.98 3.50 28.67
CA LEU A 165 4.60 4.81 29.19
C LEU A 165 4.49 4.76 30.73
N TRP A 166 3.74 3.78 31.23
CA TRP A 166 3.61 3.54 32.65
C TRP A 166 4.90 3.23 33.42
N GLY A 167 5.88 2.65 32.72
CA GLY A 167 7.20 2.40 33.30
C GLY A 167 7.98 3.69 33.52
N VAL A 168 7.56 4.77 32.85
CA VAL A 168 8.14 6.09 33.09
C VAL A 168 7.38 6.77 34.24
N GLN A 169 6.05 6.75 34.16
CA GLN A 169 5.16 7.25 35.23
C GLN A 169 5.54 6.79 36.66
N SER A 170 6.51 5.85 36.75
CA SER A 170 7.12 5.48 38.03
C SER A 170 8.65 5.33 37.88
N VAL B 16 -13.20 -19.24 -24.27
CA VAL B 16 -13.52 -19.77 -22.89
C VAL B 16 -13.43 -21.30 -22.74
N ARG B 17 -12.39 -21.74 -22.05
CA ARG B 17 -12.11 -23.13 -21.88
C ARG B 17 -12.49 -23.60 -20.46
N THR B 18 -13.22 -24.70 -20.35
CA THR B 18 -13.60 -25.19 -19.03
C THR B 18 -13.11 -26.63 -18.87
N SER B 19 -12.89 -27.06 -17.63
CA SER B 19 -12.56 -28.45 -17.34
C SER B 19 -13.61 -29.11 -16.46
N SER B 20 -13.58 -30.43 -16.44
CA SER B 20 -14.50 -31.21 -15.61
C SER B 20 -14.18 -31.09 -14.11
N LEU B 21 -13.09 -30.42 -13.77
CA LEU B 21 -12.70 -30.24 -12.38
C LEU B 21 -12.75 -28.76 -11.92
N GLY B 22 -13.67 -28.01 -12.51
CA GLY B 22 -13.92 -26.60 -12.12
C GLY B 22 -12.89 -25.57 -12.55
N ASP B 23 -12.05 -25.90 -13.54
CA ASP B 23 -11.12 -24.93 -14.07
C ASP B 23 -11.81 -24.13 -15.19
N THR B 24 -11.38 -22.89 -15.33
CA THR B 24 -11.87 -21.96 -16.36
C THR B 24 -10.68 -21.11 -16.82
N SER B 25 -10.47 -21.01 -18.14
CA SER B 25 -9.47 -20.08 -18.65
C SER B 25 -9.87 -19.34 -19.89
N ALA B 26 -9.23 -18.20 -20.10
CA ALA B 26 -9.51 -17.36 -21.27
C ALA B 26 -8.30 -16.50 -21.56
N GLY B 27 -8.01 -16.30 -22.86
CA GLY B 27 -6.82 -15.59 -23.31
C GLY B 27 -5.85 -16.56 -23.99
N ASN B 28 -4.97 -16.02 -24.85
CA ASN B 28 -4.03 -16.86 -25.61
C ASN B 28 -3.05 -17.56 -24.68
N GLY B 29 -3.00 -18.88 -24.73
CA GLY B 29 -2.08 -19.65 -23.87
C GLY B 29 -2.42 -19.69 -22.38
N ALA B 30 -3.61 -19.19 -22.01
CA ALA B 30 -4.06 -19.26 -20.61
C ALA B 30 -4.38 -20.70 -20.16
N ASN B 31 -3.97 -21.03 -18.94
CA ASN B 31 -4.00 -22.38 -18.46
C ASN B 31 -4.35 -22.39 -16.96
N ALA B 32 -5.49 -23.00 -16.64
CA ALA B 32 -5.87 -23.25 -15.27
C ALA B 32 -5.90 -24.78 -15.12
N SER B 33 -4.90 -25.35 -14.46
CA SER B 33 -4.75 -26.79 -14.43
C SER B 33 -4.83 -27.44 -13.04
N GLY B 34 -5.01 -26.64 -11.99
CA GLY B 34 -4.90 -27.14 -10.59
C GLY B 34 -6.16 -27.72 -9.96
N GLY B 35 -7.33 -27.47 -10.56
CA GLY B 35 -8.59 -27.89 -9.95
C GLY B 35 -9.18 -26.66 -9.30
N ASN B 36 -10.44 -26.34 -9.65
CA ASN B 36 -11.08 -25.09 -9.24
C ASN B 36 -10.21 -23.87 -9.58
N GLY B 37 -9.53 -23.94 -10.73
CA GLY B 37 -8.61 -22.89 -11.18
C GLY B 37 -9.28 -21.88 -12.08
N THR B 38 -8.74 -20.67 -12.10
CA THR B 38 -9.23 -19.63 -13.00
C THR B 38 -8.04 -18.81 -13.49
N ALA B 39 -7.92 -18.74 -14.81
CA ALA B 39 -6.78 -18.04 -15.42
C ALA B 39 -7.26 -17.25 -16.62
N VAL B 40 -7.25 -15.93 -16.49
CA VAL B 40 -7.80 -15.05 -17.52
C VAL B 40 -6.76 -14.00 -17.83
N GLY B 41 -6.33 -13.97 -19.09
CA GLY B 41 -5.24 -13.12 -19.56
C GLY B 41 -4.32 -13.88 -20.48
N GLY B 42 -3.56 -13.15 -21.29
CA GLY B 42 -2.54 -13.77 -22.18
C GLY B 42 -1.45 -14.46 -21.37
N ALA B 43 -1.26 -15.77 -21.62
CA ALA B 43 -0.30 -16.59 -20.88
C ALA B 43 -0.52 -16.58 -19.36
N ALA B 44 -1.76 -16.34 -18.94
CA ALA B 44 -2.10 -16.37 -17.52
C ALA B 44 -2.08 -17.82 -17.05
N SER B 45 -1.64 -18.04 -15.82
CA SER B 45 -1.45 -19.39 -15.38
C SER B 45 -1.94 -19.59 -13.95
N ALA B 46 -2.79 -20.60 -13.77
CA ALA B 46 -3.25 -20.99 -12.45
C ALA B 46 -3.04 -22.50 -12.24
N SER B 47 -1.87 -22.85 -11.70
CA SER B 47 -1.48 -24.23 -11.59
C SER B 47 -1.63 -24.81 -10.19
N GLY B 48 -1.72 -23.93 -9.18
CA GLY B 48 -1.99 -24.42 -7.80
C GLY B 48 -3.46 -24.83 -7.69
N THR B 49 -3.79 -25.70 -6.73
CA THR B 49 -5.20 -26.01 -6.46
C THR B 49 -5.89 -24.77 -5.93
N ASP B 50 -7.16 -24.61 -6.27
CA ASP B 50 -7.97 -23.48 -5.81
C ASP B 50 -7.29 -22.11 -6.16
N ALA B 51 -6.61 -22.06 -7.30
CA ALA B 51 -5.81 -20.90 -7.68
C ALA B 51 -6.54 -20.02 -8.71
N THR B 52 -6.26 -18.71 -8.65
CA THR B 52 -6.94 -17.71 -9.45
C THR B 52 -5.96 -16.66 -9.99
N ALA B 53 -5.91 -16.52 -11.31
CA ALA B 53 -4.96 -15.63 -11.98
C ALA B 53 -5.65 -14.72 -12.97
N LEU B 54 -5.36 -13.43 -12.88
CA LEU B 54 -5.96 -12.46 -13.79
C LEU B 54 -4.92 -11.44 -14.26
N GLY B 55 -4.77 -11.32 -15.58
CA GLY B 55 -3.83 -10.39 -16.17
C GLY B 55 -2.84 -11.14 -17.04
N GLN B 56 -2.25 -10.44 -18.01
CA GLN B 56 -1.30 -11.08 -18.92
C GLN B 56 -0.10 -11.50 -18.08
N ALA B 57 0.39 -12.72 -18.34
CA ALA B 57 1.47 -13.32 -17.57
C ALA B 57 1.26 -13.35 -16.04
N SER B 58 0.01 -13.29 -15.57
CA SER B 58 -0.24 -13.55 -14.14
C SER B 58 0.07 -15.01 -13.80
N ASN B 59 0.44 -15.27 -12.55
CA ASN B 59 0.91 -16.60 -12.20
C ASN B 59 0.55 -16.95 -10.78
N ALA B 60 -0.46 -17.79 -10.64
CA ALA B 60 -0.91 -18.24 -9.32
C ALA B 60 -0.52 -19.71 -9.14
N SER B 61 0.74 -19.95 -8.80
CA SER B 61 1.23 -21.33 -8.78
C SER B 61 1.13 -21.97 -7.40
N GLY B 62 0.93 -21.16 -6.35
CA GLY B 62 0.77 -21.70 -5.03
C GLY B 62 -0.60 -22.33 -4.86
N ASN B 63 -0.68 -23.35 -4.01
CA ASN B 63 -1.99 -23.87 -3.61
C ASN B 63 -2.80 -22.78 -2.90
N HIS B 64 -4.07 -22.63 -3.28
CA HIS B 64 -4.92 -21.55 -2.75
C HIS B 64 -4.33 -20.16 -2.96
N SER B 65 -3.65 -19.94 -4.08
CA SER B 65 -3.06 -18.64 -4.36
C SER B 65 -3.93 -17.79 -5.28
N THR B 66 -3.69 -16.46 -5.25
CA THR B 66 -4.45 -15.51 -6.05
C THR B 66 -3.49 -14.43 -6.61
N ALA B 67 -3.43 -14.31 -7.93
CA ALA B 67 -2.52 -13.38 -8.57
C ALA B 67 -3.28 -12.54 -9.56
N LEU B 68 -3.45 -11.26 -9.22
CA LEU B 68 -4.35 -10.42 -10.02
C LEU B 68 -3.58 -9.18 -10.39
N GLY B 69 -3.38 -8.99 -11.69
CA GLY B 69 -2.55 -7.89 -12.16
C GLY B 69 -1.57 -8.47 -13.17
N GLN B 70 -1.21 -7.66 -14.16
CA GLN B 70 -0.25 -8.07 -15.17
C GLN B 70 1.11 -8.45 -14.52
N ALA B 71 1.71 -9.55 -14.97
CA ALA B 71 2.93 -10.14 -14.39
C ALA B 71 2.89 -10.22 -12.88
N SER B 72 1.70 -10.36 -12.28
CA SER B 72 1.62 -10.61 -10.85
C SER B 72 1.99 -12.09 -10.61
N SER B 73 2.38 -12.41 -9.40
CA SER B 73 2.82 -13.75 -9.09
C SER B 73 2.52 -14.10 -7.63
N ALA B 74 1.92 -15.25 -7.40
CA ALA B 74 1.65 -15.73 -6.03
C ALA B 74 2.05 -17.19 -5.93
N SER B 75 3.29 -17.45 -5.56
CA SER B 75 3.80 -18.81 -5.64
C SER B 75 3.84 -19.45 -4.24
N GLY B 76 3.62 -18.64 -3.21
CA GLY B 76 3.61 -19.19 -1.86
C GLY B 76 2.30 -19.93 -1.63
N SER B 77 2.30 -20.86 -0.68
CA SER B 77 1.10 -21.53 -0.24
C SER B 77 0.17 -20.52 0.44
N GLY B 78 -1.08 -20.46 0.00
CA GLY B 78 -2.04 -19.52 0.58
C GLY B 78 -1.65 -18.06 0.35
N SER B 79 -0.97 -17.80 -0.77
CA SER B 79 -0.46 -16.46 -1.06
C SER B 79 -1.38 -15.65 -1.96
N THR B 80 -1.26 -14.32 -1.86
CA THR B 80 -2.09 -13.42 -2.64
C THR B 80 -1.26 -12.23 -3.08
N ALA B 81 -1.23 -11.97 -4.37
CA ALA B 81 -0.55 -10.83 -4.92
C ALA B 81 -1.52 -10.04 -5.81
N VAL B 82 -1.74 -8.77 -5.46
CA VAL B 82 -2.70 -7.96 -6.22
C VAL B 82 -2.08 -6.62 -6.64
N GLY B 83 -2.01 -6.39 -7.95
CA GLY B 83 -1.35 -5.18 -8.49
C GLY B 83 -0.36 -5.61 -9.56
N GLN B 84 -0.09 -4.74 -10.53
CA GLN B 84 0.86 -5.10 -11.57
C GLN B 84 2.24 -5.36 -10.97
N GLY B 85 2.80 -6.46 -11.44
CA GLY B 85 4.09 -6.96 -10.98
C GLY B 85 4.18 -7.24 -9.49
N ALA B 86 3.06 -7.35 -8.79
CA ALA B 86 3.10 -7.73 -7.38
C ALA B 86 3.58 -9.17 -7.23
N GLY B 87 4.23 -9.45 -6.08
CA GLY B 87 4.81 -10.78 -5.80
C GLY B 87 4.50 -11.20 -4.36
N ALA B 88 4.21 -12.48 -4.18
CA ALA B 88 4.00 -13.07 -2.88
C ALA B 88 4.57 -14.51 -2.86
N PRO B 89 5.91 -14.64 -2.73
CA PRO B 89 6.45 -16.02 -2.74
C PRO B 89 6.40 -16.74 -1.36
N GLY B 90 6.12 -16.00 -0.29
CA GLY B 90 6.05 -16.62 1.02
C GLY B 90 4.73 -17.36 1.24
N ASP B 91 4.79 -18.47 1.98
CA ASP B 91 3.55 -19.12 2.46
C ASP B 91 2.81 -18.16 3.42
N GLY B 92 1.49 -18.02 3.24
CA GLY B 92 0.70 -17.05 4.00
C GLY B 92 1.04 -15.58 3.73
N ALA B 93 1.72 -15.28 2.62
CA ALA B 93 2.11 -13.91 2.27
C ALA B 93 1.06 -13.20 1.40
N SER B 94 0.83 -11.91 1.65
CA SER B 94 -0.15 -11.15 0.88
C SER B 94 0.43 -9.76 0.52
N ALA B 95 0.37 -9.42 -0.76
CA ALA B 95 0.95 -8.19 -1.30
C ALA B 95 -0.11 -7.45 -2.09
N PHE B 96 -0.24 -6.18 -1.79
CA PHE B 96 -1.25 -5.31 -2.43
C PHE B 96 -0.56 -4.03 -2.88
N GLY B 97 -0.57 -3.82 -4.19
CA GLY B 97 -0.05 -2.61 -4.73
C GLY B 97 0.90 -2.98 -5.84
N GLN B 98 1.01 -2.08 -6.80
CA GLN B 98 1.88 -2.29 -7.94
C GLN B 98 3.32 -2.47 -7.43
N GLY B 99 3.97 -3.57 -7.84
CA GLY B 99 5.36 -3.91 -7.46
C GLY B 99 5.59 -4.23 -5.96
N ALA B 100 4.51 -4.42 -5.19
CA ALA B 100 4.65 -4.81 -3.79
C ALA B 100 5.22 -6.26 -3.73
N LEU B 101 6.05 -6.54 -2.74
CA LEU B 101 6.54 -7.91 -2.49
C LEU B 101 6.29 -8.35 -1.04
N ALA B 102 5.62 -9.48 -0.87
CA ALA B 102 5.47 -10.09 0.44
C ALA B 102 6.20 -11.41 0.38
N SER B 103 7.44 -11.43 0.88
CA SER B 103 8.31 -12.58 0.65
C SER B 103 8.58 -13.39 1.92
N GLY B 104 8.36 -12.78 3.08
CA GLY B 104 8.46 -13.50 4.33
C GLY B 104 7.23 -14.39 4.48
N THR B 105 7.42 -15.47 5.23
CA THR B 105 6.33 -16.31 5.71
C THR B 105 5.40 -15.45 6.57
N ASP B 106 4.10 -15.57 6.29
CA ASP B 106 3.08 -14.80 6.98
C ASP B 106 3.33 -13.27 6.91
N SER B 107 3.88 -12.79 5.81
CA SER B 107 4.16 -11.35 5.66
C SER B 107 3.03 -10.68 4.92
N THR B 108 2.94 -9.38 5.06
CA THR B 108 1.89 -8.60 4.43
C THR B 108 2.47 -7.27 3.96
N ALA B 109 2.38 -7.02 2.66
CA ALA B 109 2.84 -5.77 2.09
C ALA B 109 1.69 -5.02 1.40
N LEU B 110 1.41 -3.81 1.90
CA LEU B 110 0.27 -3.00 1.49
C LEU B 110 0.75 -1.61 1.06
N GLY B 111 0.89 -1.41 -0.24
CA GLY B 111 1.43 -0.16 -0.76
C GLY B 111 2.28 -0.48 -1.97
N ALA B 112 2.26 0.43 -2.93
CA ALA B 112 3.01 0.22 -4.15
C ALA B 112 4.51 0.18 -3.80
N HIS B 113 5.22 -0.81 -4.32
CA HIS B 113 6.67 -0.94 -4.04
C HIS B 113 7.01 -1.18 -2.58
N SER B 114 6.04 -1.61 -1.80
CA SER B 114 6.29 -1.99 -0.43
C SER B 114 6.94 -3.39 -0.42
N THR B 115 7.76 -3.67 0.59
CA THR B 115 8.50 -4.95 0.70
C THR B 115 8.39 -5.49 2.12
N ALA B 116 7.74 -6.62 2.28
CA ALA B 116 7.67 -7.26 3.58
C ALA B 116 8.54 -8.51 3.52
N ALA B 117 9.78 -8.34 3.97
CA ALA B 117 10.80 -9.35 3.76
C ALA B 117 10.91 -10.36 4.90
N ALA B 118 10.65 -9.91 6.13
CA ALA B 118 10.84 -10.76 7.30
C ALA B 118 9.61 -11.61 7.64
N PRO B 119 9.83 -12.76 8.28
CA PRO B 119 8.64 -13.54 8.64
C PRO B 119 7.71 -12.76 9.58
N ASN B 120 6.41 -12.91 9.34
CA ASN B 120 5.38 -12.34 10.20
C ASN B 120 5.47 -10.81 10.29
N SER B 121 6.06 -10.21 9.27
CA SER B 121 6.15 -8.74 9.19
C SER B 121 5.08 -8.18 8.25
N ALA B 122 4.84 -6.87 8.35
CA ALA B 122 3.93 -6.16 7.43
C ALA B 122 4.61 -4.87 7.04
N ALA B 123 4.42 -4.42 5.81
CA ALA B 123 4.97 -3.13 5.40
C ALA B 123 3.80 -2.36 4.89
N ILE B 124 3.59 -1.16 5.45
CA ILE B 124 2.38 -0.38 5.20
C ILE B 124 2.80 0.93 4.59
N GLY B 125 2.22 1.23 3.42
CA GLY B 125 2.52 2.47 2.69
C GLY B 125 3.42 2.25 1.47
N ALA B 126 3.34 3.14 0.49
CA ALA B 126 4.23 3.08 -0.66
C ALA B 126 5.70 3.05 -0.21
N ASN B 127 6.48 2.18 -0.86
CA ASN B 127 7.93 2.08 -0.66
C ASN B 127 8.38 1.64 0.72
N SER B 128 7.43 1.32 1.59
CA SER B 128 7.78 0.85 2.92
C SER B 128 8.53 -0.47 2.88
N VAL B 129 9.51 -0.61 3.77
CA VAL B 129 10.28 -1.85 3.90
C VAL B 129 10.21 -2.42 5.31
N ALA B 130 9.87 -3.71 5.42
CA ALA B 130 9.91 -4.41 6.70
C ALA B 130 10.98 -5.52 6.64
N SER B 131 12.06 -5.30 7.38
CA SER B 131 13.21 -6.17 7.39
C SER B 131 13.46 -6.77 8.76
N ALA B 132 12.51 -6.66 9.67
CA ALA B 132 12.63 -7.29 11.00
C ALA B 132 11.42 -8.23 11.22
N PRO B 133 11.65 -9.41 11.79
CA PRO B 133 10.57 -10.35 12.14
C PRO B 133 9.47 -9.74 13.00
N ASN B 134 8.21 -10.12 12.80
CA ASN B 134 7.14 -9.75 13.75
C ASN B 134 7.02 -8.24 13.98
N SER B 135 7.22 -7.46 12.95
CA SER B 135 7.12 -6.04 13.13
C SER B 135 6.29 -5.46 12.01
N VAL B 136 5.67 -4.31 12.27
CA VAL B 136 4.90 -3.62 11.26
C VAL B 136 5.61 -2.31 10.91
N SER B 137 6.07 -2.20 9.68
CA SER B 137 6.80 -1.00 9.24
C SER B 137 5.95 0.00 8.47
N PHE B 138 6.00 1.26 8.88
CA PHE B 138 5.26 2.29 8.17
C PHE B 138 6.14 3.14 7.28
N GLY B 139 7.35 2.67 6.98
CA GLY B 139 8.23 3.33 6.04
C GLY B 139 9.58 2.66 5.97
N SER B 140 10.62 3.48 6.13
CA SER B 140 12.01 3.01 6.18
C SER B 140 12.85 4.12 6.81
N ARG B 141 14.13 3.85 7.07
CA ARG B 141 15.03 4.83 7.68
C ARG B 141 15.07 6.15 6.90
N GLY B 142 14.86 7.26 7.61
CA GLY B 142 14.85 8.59 6.96
C GLY B 142 13.59 8.87 6.12
N HIS B 143 12.68 7.89 6.07
CA HIS B 143 11.37 7.98 5.38
C HIS B 143 10.28 7.44 6.31
N GLU B 144 10.32 7.85 7.56
CA GLU B 144 9.37 7.43 8.57
C GLU B 144 8.04 8.17 8.34
N ARG B 145 6.95 7.63 8.86
CA ARG B 145 5.61 8.25 8.73
C ARG B 145 5.02 8.41 10.13
N ARG B 146 4.30 9.50 10.34
CA ARG B 146 3.63 9.80 11.60
C ARG B 146 2.34 8.96 11.61
N LEU B 147 1.92 8.49 12.77
CA LEU B 147 0.65 7.74 12.89
C LEU B 147 -0.36 8.67 13.54
N THR B 148 -1.50 8.89 12.88
CA THR B 148 -2.43 9.94 13.27
C THR B 148 -3.84 9.39 13.59
N ASN B 149 -4.67 10.19 14.25
CA ASN B 149 -5.99 9.73 14.67
C ASN B 149 -5.95 8.43 15.50
N VAL B 150 -5.04 8.42 16.45
CA VAL B 150 -4.84 7.30 17.38
C VAL B 150 -5.56 7.65 18.72
N ALA B 151 -6.57 6.88 19.08
CA ALA B 151 -7.26 7.08 20.35
C ALA B 151 -6.32 6.63 21.46
N PRO B 152 -6.47 7.22 22.66
CA PRO B 152 -5.54 6.94 23.73
C PRO B 152 -5.50 5.44 24.07
N GLY B 153 -4.31 4.91 24.33
CA GLY B 153 -4.19 3.51 24.73
C GLY B 153 -4.82 3.20 26.08
N ILE B 154 -5.30 1.96 26.26
CA ILE B 154 -5.97 1.53 27.51
C ILE B 154 -5.22 0.36 28.17
N ASP B 155 -4.98 -0.71 27.41
CA ASP B 155 -4.22 -1.86 27.89
C ASP B 155 -2.71 -1.69 27.67
N GLY B 156 -1.91 -2.41 28.44
CA GLY B 156 -0.45 -2.32 28.37
C GLY B 156 0.13 -2.41 26.97
N THR B 157 -0.49 -3.23 26.13
CA THR B 157 0.01 -3.42 24.77
C THR B 157 -0.76 -2.60 23.75
N ASP B 158 -1.41 -1.52 24.19
CA ASP B 158 -1.97 -0.52 23.28
C ASP B 158 -0.91 0.55 23.02
N ALA B 159 -0.92 1.17 21.83
CA ALA B 159 -0.04 2.29 21.58
C ALA B 159 -0.40 3.49 22.46
N ALA B 160 0.62 4.25 22.82
CA ALA B 160 0.46 5.52 23.54
C ALA B 160 0.40 6.69 22.56
N ASN B 161 -0.54 7.61 22.73
CA ASN B 161 -0.50 8.82 21.92
C ASN B 161 0.15 10.04 22.60
N MET B 162 0.29 11.14 21.86
CA MET B 162 0.97 12.34 22.36
C MET B 162 0.29 12.97 23.58
N ASN B 163 -1.04 13.09 23.56
CA ASN B 163 -1.75 13.54 24.76
C ASN B 163 -1.35 12.73 25.99
N GLN B 164 -1.10 11.44 25.79
CA GLN B 164 -0.75 10.59 26.92
C GLN B 164 0.68 10.81 27.37
N LEU B 165 1.57 11.03 26.42
CA LEU B 165 2.98 11.29 26.74
C LEU B 165 3.08 12.63 27.48
N TRP B 166 2.32 13.61 27.00
CA TRP B 166 2.30 14.92 27.60
C TRP B 166 1.72 14.94 29.01
N GLY B 167 0.82 14.00 29.30
CA GLY B 167 0.19 13.88 30.62
C GLY B 167 1.14 13.33 31.67
N VAL B 168 2.30 12.85 31.24
CA VAL B 168 3.38 12.42 32.14
C VAL B 168 4.43 13.52 32.31
N VAL C 16 -18.94 -16.89 -23.21
CA VAL C 16 -19.20 -15.52 -22.62
C VAL C 16 -20.65 -15.08 -22.76
N ARG C 17 -21.41 -15.11 -21.68
CA ARG C 17 -22.81 -14.70 -21.73
C ARG C 17 -22.96 -13.24 -21.22
N THR C 18 -23.80 -12.47 -21.91
CA THR C 18 -24.04 -11.07 -21.59
C THR C 18 -25.52 -10.75 -21.58
N SER C 19 -25.92 -9.84 -20.71
CA SER C 19 -27.32 -9.40 -20.64
C SER C 19 -27.40 -7.93 -21.03
N SER C 20 -28.62 -7.46 -21.28
CA SER C 20 -28.85 -6.07 -21.65
C SER C 20 -28.68 -5.15 -20.46
N LEU C 21 -28.60 -5.72 -19.25
CA LEU C 21 -28.47 -4.94 -18.02
C LEU C 21 -27.03 -4.87 -17.45
N GLY C 22 -26.03 -5.10 -18.31
CA GLY C 22 -24.61 -4.98 -17.98
C GLY C 22 -23.92 -6.20 -17.36
N ASP C 23 -24.57 -7.36 -17.39
CA ASP C 23 -24.06 -8.56 -16.77
C ASP C 23 -23.16 -9.30 -17.76
N THR C 24 -22.06 -9.86 -17.24
CA THR C 24 -21.13 -10.68 -18.03
C THR C 24 -20.81 -11.96 -17.25
N SER C 25 -20.93 -13.11 -17.92
CA SER C 25 -20.69 -14.43 -17.28
C SER C 25 -19.78 -15.33 -18.13
N ALA C 26 -18.83 -15.98 -17.48
CA ALA C 26 -17.93 -16.93 -18.15
C ALA C 26 -17.53 -18.03 -17.18
N GLY C 27 -17.68 -19.27 -17.60
CA GLY C 27 -17.40 -20.40 -16.75
C GLY C 27 -18.61 -21.30 -16.64
N ASN C 28 -18.37 -22.56 -16.34
CA ASN C 28 -19.46 -23.50 -16.19
C ASN C 28 -20.36 -23.07 -15.00
N GLY C 29 -21.61 -22.74 -15.28
CA GLY C 29 -22.56 -22.30 -14.23
C GLY C 29 -22.36 -20.90 -13.65
N ALA C 30 -21.39 -20.15 -14.19
CA ALA C 30 -21.15 -18.76 -13.78
C ALA C 30 -22.38 -17.90 -14.04
N ASN C 31 -22.77 -17.10 -13.06
CA ASN C 31 -24.03 -16.36 -13.18
C ASN C 31 -23.93 -14.98 -12.55
N ALA C 32 -23.93 -13.97 -13.40
CA ALA C 32 -24.08 -12.58 -12.99
C ALA C 32 -25.52 -12.14 -13.28
N SER C 33 -26.30 -11.91 -12.24
CA SER C 33 -27.72 -11.67 -12.41
C SER C 33 -28.23 -10.40 -11.73
N GLY C 34 -27.32 -9.62 -11.16
CA GLY C 34 -27.75 -8.48 -10.35
C GLY C 34 -27.83 -7.12 -11.03
N GLY C 35 -27.38 -7.00 -12.28
CA GLY C 35 -27.29 -5.69 -12.94
C GLY C 35 -25.86 -5.22 -12.80
N ASN C 36 -25.22 -4.90 -13.94
CA ASN C 36 -23.80 -4.57 -13.99
C ASN C 36 -22.93 -5.61 -13.25
N GLY C 37 -23.31 -6.88 -13.31
CA GLY C 37 -22.56 -7.93 -12.64
C GLY C 37 -21.50 -8.53 -13.53
N THR C 38 -20.43 -9.02 -12.94
CA THR C 38 -19.44 -9.77 -13.70
C THR C 38 -19.13 -11.02 -12.87
N ALA C 39 -19.29 -12.20 -13.47
CA ALA C 39 -19.00 -13.47 -12.76
C ALA C 39 -18.16 -14.37 -13.64
N VAL C 40 -16.96 -14.71 -13.18
CA VAL C 40 -16.01 -15.47 -14.00
C VAL C 40 -15.32 -16.56 -13.17
N GLY C 41 -15.53 -17.82 -13.56
CA GLY C 41 -15.12 -18.99 -12.78
C GLY C 41 -16.23 -20.03 -12.69
N GLY C 42 -15.88 -21.28 -12.42
CA GLY C 42 -16.89 -22.35 -12.25
C GLY C 42 -17.82 -21.98 -11.10
N ALA C 43 -19.12 -21.96 -11.37
CA ALA C 43 -20.12 -21.58 -10.37
C ALA C 43 -19.88 -20.21 -9.67
N ALA C 44 -19.13 -19.32 -10.32
CA ALA C 44 -18.97 -17.95 -9.83
C ALA C 44 -20.35 -17.30 -9.88
N SER C 45 -20.66 -16.52 -8.85
CA SER C 45 -21.98 -15.98 -8.70
C SER C 45 -21.87 -14.49 -8.32
N ALA C 46 -22.51 -13.63 -9.10
CA ALA C 46 -22.57 -12.20 -8.80
C ALA C 46 -24.06 -11.83 -8.79
N SER C 47 -24.68 -11.93 -7.60
CA SER C 47 -26.11 -11.76 -7.49
C SER C 47 -26.49 -10.40 -6.93
N GLY C 48 -25.59 -9.71 -6.23
CA GLY C 48 -25.91 -8.36 -5.80
C GLY C 48 -25.80 -7.40 -6.97
N THR C 49 -26.40 -6.21 -6.82
CA THR C 49 -26.28 -5.16 -7.83
C THR C 49 -24.80 -4.72 -7.87
N ASP C 50 -24.28 -4.43 -9.06
CA ASP C 50 -22.90 -3.94 -9.27
C ASP C 50 -21.84 -4.88 -8.65
N ALA C 51 -22.10 -6.17 -8.74
CA ALA C 51 -21.30 -7.16 -8.03
C ALA C 51 -20.28 -7.77 -9.00
N THR C 52 -19.14 -8.15 -8.46
CA THR C 52 -18.06 -8.70 -9.27
C THR C 52 -17.47 -9.92 -8.56
N ALA C 53 -17.52 -11.06 -9.24
CA ALA C 53 -17.03 -12.33 -8.64
C ALA C 53 -16.03 -12.97 -9.59
N LEU C 54 -14.84 -13.28 -9.09
CA LEU C 54 -13.81 -13.96 -9.87
C LEU C 54 -13.24 -15.16 -9.08
N GLY C 55 -13.24 -16.33 -9.71
CA GLY C 55 -12.74 -17.56 -9.09
C GLY C 55 -13.83 -18.62 -9.00
N GLN C 56 -13.42 -19.88 -8.91
CA GLN C 56 -14.39 -20.96 -8.77
C GLN C 56 -15.13 -20.84 -7.43
N ALA C 57 -16.45 -20.92 -7.50
CA ALA C 57 -17.36 -20.78 -6.33
C ALA C 57 -17.33 -19.41 -5.63
N SER C 58 -16.76 -18.38 -6.27
CA SER C 58 -16.73 -17.03 -5.71
C SER C 58 -18.15 -16.50 -5.66
N ASN C 59 -18.44 -15.73 -4.63
CA ASN C 59 -19.81 -15.35 -4.35
C ASN C 59 -19.89 -13.89 -3.92
N ALA C 60 -20.33 -13.05 -4.83
CA ALA C 60 -20.47 -11.64 -4.56
C ALA C 60 -21.96 -11.41 -4.53
N SER C 61 -22.55 -11.59 -3.35
CA SER C 61 -23.98 -11.52 -3.20
C SER C 61 -24.46 -10.20 -2.59
N GLY C 62 -23.57 -9.43 -1.96
CA GLY C 62 -24.00 -8.12 -1.43
C GLY C 62 -24.09 -7.10 -2.56
N ASN C 63 -24.98 -6.12 -2.41
CA ASN C 63 -24.98 -5.00 -3.36
C ASN C 63 -23.63 -4.32 -3.29
N HIS C 64 -23.05 -4.07 -4.47
CA HIS C 64 -21.74 -3.42 -4.58
C HIS C 64 -20.62 -4.20 -3.92
N SER C 65 -20.75 -5.53 -3.97
CA SER C 65 -19.74 -6.44 -3.42
C SER C 65 -18.79 -6.90 -4.49
N THR C 66 -17.61 -7.35 -4.04
CA THR C 66 -16.53 -7.81 -4.89
C THR C 66 -15.85 -8.98 -4.19
N ALA C 67 -15.92 -10.16 -4.80
CA ALA C 67 -15.32 -11.37 -4.25
C ALA C 67 -14.34 -11.96 -5.26
N LEU C 68 -13.05 -11.94 -4.94
CA LEU C 68 -12.01 -12.34 -5.90
C LEU C 68 -11.13 -13.37 -5.26
N GLY C 69 -11.11 -14.55 -5.85
CA GLY C 69 -10.41 -15.70 -5.32
C GLY C 69 -11.36 -16.89 -5.22
N GLN C 70 -10.80 -18.08 -5.27
CA GLN C 70 -11.61 -19.29 -5.21
C GLN C 70 -12.30 -19.36 -3.84
N ALA C 71 -13.59 -19.70 -3.88
CA ALA C 71 -14.45 -19.78 -2.69
C ALA C 71 -14.48 -18.48 -1.85
N SER C 72 -14.18 -17.34 -2.47
CA SER C 72 -14.24 -16.07 -1.76
C SER C 72 -15.70 -15.66 -1.62
N SER C 73 -16.00 -14.90 -0.58
CA SER C 73 -17.36 -14.53 -0.32
C SER C 73 -17.47 -13.10 0.16
N ALA C 74 -18.36 -12.34 -0.48
CA ALA C 74 -18.61 -10.96 -0.08
C ALA C 74 -20.13 -10.79 -0.06
N SER C 75 -20.75 -11.09 1.08
CA SER C 75 -22.20 -11.04 1.22
C SER C 75 -22.72 -9.75 1.90
N GLY C 76 -21.84 -9.02 2.59
CA GLY C 76 -22.25 -7.73 3.17
C GLY C 76 -22.45 -6.67 2.07
N SER C 77 -23.32 -5.71 2.34
CA SER C 77 -23.50 -4.57 1.46
C SER C 77 -22.24 -3.70 1.45
N GLY C 78 -21.74 -3.40 0.25
CA GLY C 78 -20.49 -2.67 0.09
C GLY C 78 -19.25 -3.48 0.55
N SER C 79 -19.28 -4.80 0.37
CA SER C 79 -18.21 -5.62 0.91
C SER C 79 -17.22 -6.11 -0.14
N THR C 80 -16.02 -6.44 0.31
CA THR C 80 -14.92 -6.76 -0.60
C THR C 80 -14.07 -7.83 0.07
N ALA C 81 -13.85 -8.93 -0.64
CA ALA C 81 -13.10 -10.07 -0.14
C ALA C 81 -12.21 -10.50 -1.27
N VAL C 82 -10.91 -10.45 -1.03
CA VAL C 82 -9.92 -10.74 -2.04
C VAL C 82 -8.90 -11.70 -1.45
N GLY C 83 -8.77 -12.88 -2.06
CA GLY C 83 -7.98 -13.95 -1.48
C GLY C 83 -8.83 -15.20 -1.48
N GLN C 84 -8.17 -16.35 -1.69
CA GLN C 84 -8.90 -17.61 -1.64
C GLN C 84 -9.49 -17.82 -0.24
N GLY C 85 -10.77 -18.21 -0.19
CA GLY C 85 -11.51 -18.36 1.07
C GLY C 85 -11.68 -17.08 1.88
N ALA C 86 -11.31 -15.91 1.32
CA ALA C 86 -11.56 -14.64 2.01
C ALA C 86 -13.08 -14.41 2.16
N GLY C 87 -13.48 -13.83 3.28
CA GLY C 87 -14.87 -13.52 3.53
C GLY C 87 -15.09 -12.13 4.12
N ALA C 88 -16.12 -11.46 3.60
CA ALA C 88 -16.56 -10.15 4.07
C ALA C 88 -18.08 -10.11 4.22
N PRO C 89 -18.61 -10.75 5.30
CA PRO C 89 -20.06 -10.73 5.48
C PRO C 89 -20.60 -9.49 6.14
N GLY C 90 -19.76 -8.62 6.69
CA GLY C 90 -20.25 -7.41 7.33
C GLY C 90 -20.52 -6.35 6.26
N ASP C 91 -21.54 -5.53 6.48
CA ASP C 91 -21.74 -4.31 5.68
C ASP C 91 -20.53 -3.36 5.80
N GLY C 92 -20.03 -2.85 4.67
CA GLY C 92 -18.81 -2.04 4.69
C GLY C 92 -17.54 -2.82 5.01
N ALA C 93 -17.56 -4.13 4.88
CA ALA C 93 -16.39 -4.89 5.32
C ALA C 93 -15.44 -5.21 4.20
N SER C 94 -14.14 -5.26 4.51
CA SER C 94 -13.13 -5.54 3.51
C SER C 94 -12.09 -6.50 4.02
N ALA C 95 -11.89 -7.59 3.29
CA ALA C 95 -10.93 -8.61 3.69
C ALA C 95 -9.94 -8.88 2.57
N PHE C 96 -8.67 -8.84 2.93
CA PHE C 96 -7.58 -9.09 2.01
C PHE C 96 -6.66 -10.15 2.59
N GLY C 97 -6.48 -11.25 1.87
CA GLY C 97 -5.54 -12.30 2.31
C GLY C 97 -6.26 -13.65 2.28
N GLN C 98 -5.53 -14.73 2.02
CA GLN C 98 -6.19 -16.04 2.00
C GLN C 98 -6.78 -16.32 3.38
N GLY C 99 -8.07 -16.66 3.40
CA GLY C 99 -8.78 -16.98 4.65
C GLY C 99 -9.03 -15.77 5.55
N ALA C 100 -8.77 -14.55 5.07
CA ALA C 100 -9.06 -13.34 5.87
C ALA C 100 -10.57 -13.22 6.12
N LEU C 101 -10.96 -12.65 7.26
CA LEU C 101 -12.38 -12.55 7.59
C LEU C 101 -12.71 -11.18 8.21
N ALA C 102 -13.54 -10.41 7.51
CA ALA C 102 -14.00 -9.14 7.99
C ALA C 102 -15.50 -9.25 8.26
N SER C 103 -15.86 -9.66 9.48
CA SER C 103 -17.23 -9.95 9.82
C SER C 103 -17.96 -8.79 10.52
N GLY C 104 -17.23 -7.90 11.18
CA GLY C 104 -17.87 -6.72 11.76
C GLY C 104 -18.36 -5.74 10.70
N THR C 105 -19.39 -4.99 11.04
CA THR C 105 -19.84 -3.84 10.26
C THR C 105 -18.65 -2.90 10.19
N ASP C 106 -18.34 -2.43 8.96
CA ASP C 106 -17.23 -1.51 8.70
C ASP C 106 -15.90 -2.01 9.21
N SER C 107 -15.69 -3.32 9.10
CA SER C 107 -14.43 -3.90 9.53
C SER C 107 -13.49 -4.09 8.36
N THR C 108 -12.20 -4.14 8.64
CA THR C 108 -11.19 -4.31 7.60
C THR C 108 -10.13 -5.30 8.09
N ALA C 109 -9.91 -6.38 7.32
CA ALA C 109 -8.98 -7.44 7.70
C ALA C 109 -7.95 -7.60 6.62
N LEU C 110 -6.70 -7.29 6.93
CA LEU C 110 -5.65 -7.21 5.91
C LEU C 110 -4.49 -8.09 6.35
N GLY C 111 -4.41 -9.27 5.73
CA GLY C 111 -3.46 -10.32 6.10
C GLY C 111 -4.09 -11.71 6.08
N ALA C 112 -3.34 -12.71 5.62
CA ALA C 112 -3.82 -14.10 5.60
C ALA C 112 -4.34 -14.53 6.97
N HIS C 113 -5.56 -15.08 7.01
CA HIS C 113 -6.18 -15.58 8.28
C HIS C 113 -6.32 -14.53 9.37
N SER C 114 -6.35 -13.27 8.95
CA SER C 114 -6.64 -12.19 9.90
C SER C 114 -8.15 -12.18 10.13
N THR C 115 -8.59 -11.63 11.25
CA THR C 115 -10.00 -11.59 11.54
C THR C 115 -10.32 -10.26 12.20
N ALA C 116 -11.22 -9.49 11.59
CA ALA C 116 -11.76 -8.31 12.23
C ALA C 116 -13.26 -8.52 12.49
N ALA C 117 -13.56 -8.94 13.71
CA ALA C 117 -14.88 -9.35 14.10
C ALA C 117 -15.70 -8.19 14.66
N ALA C 118 -15.05 -7.23 15.31
CA ALA C 118 -15.80 -6.15 15.99
C ALA C 118 -16.21 -5.00 15.05
N PRO C 119 -17.26 -4.24 15.40
CA PRO C 119 -17.61 -3.13 14.51
C PRO C 119 -16.50 -2.08 14.45
N ASN C 120 -16.27 -1.56 13.25
CA ASN C 120 -15.37 -0.45 13.03
C ASN C 120 -13.91 -0.75 13.40
N SER C 121 -13.53 -2.02 13.30
CA SER C 121 -12.19 -2.43 13.65
C SER C 121 -11.37 -2.83 12.44
N ALA C 122 -10.06 -2.96 12.68
CA ALA C 122 -9.15 -3.38 11.65
C ALA C 122 -8.14 -4.36 12.22
N ALA C 123 -7.83 -5.39 11.46
CA ALA C 123 -6.78 -6.35 11.80
C ALA C 123 -5.71 -6.28 10.73
N ILE C 124 -4.46 -6.03 11.15
CA ILE C 124 -3.36 -5.81 10.22
C ILE C 124 -2.34 -6.88 10.49
N GLY C 125 -2.02 -7.65 9.45
CA GLY C 125 -1.00 -8.70 9.56
C GLY C 125 -1.63 -10.09 9.62
N ALA C 126 -0.89 -11.11 9.18
CA ALA C 126 -1.35 -12.49 9.19
C ALA C 126 -1.77 -12.88 10.61
N ASN C 127 -2.92 -13.55 10.71
CA ASN C 127 -3.44 -14.10 11.97
C ASN C 127 -3.82 -13.04 12.98
N SER C 128 -3.75 -11.75 12.63
CA SER C 128 -4.18 -10.72 13.57
C SER C 128 -5.68 -10.81 13.87
N VAL C 129 -6.05 -10.49 15.10
CA VAL C 129 -7.43 -10.55 15.54
C VAL C 129 -7.85 -9.20 16.06
N ALA C 130 -8.87 -8.59 15.46
CA ALA C 130 -9.45 -7.37 16.05
C ALA C 130 -10.79 -7.71 16.68
N SER C 131 -10.86 -7.77 18.01
CA SER C 131 -12.14 -8.11 18.69
C SER C 131 -12.68 -6.99 19.59
N ALA C 132 -12.03 -5.84 19.57
CA ALA C 132 -12.59 -4.68 20.25
C ALA C 132 -13.11 -3.67 19.22
N PRO C 133 -14.26 -3.03 19.50
CA PRO C 133 -14.75 -1.99 18.59
C PRO C 133 -13.77 -0.81 18.45
N ASN C 134 -13.77 -0.16 17.28
CA ASN C 134 -13.06 1.10 17.04
C ASN C 134 -11.55 1.00 17.31
N SER C 135 -10.97 -0.12 16.93
CA SER C 135 -9.57 -0.39 17.23
C SER C 135 -8.92 -1.03 16.05
N VAL C 136 -7.61 -0.87 15.97
CA VAL C 136 -6.77 -1.48 14.93
C VAL C 136 -5.80 -2.41 15.65
N SER C 137 -5.90 -3.71 15.39
CA SER C 137 -4.98 -4.73 15.99
C SER C 137 -3.86 -5.14 15.03
N PHE C 138 -2.66 -5.28 15.56
CA PHE C 138 -1.50 -5.70 14.79
C PHE C 138 -1.05 -7.09 15.21
N GLY C 139 -1.91 -7.79 15.94
CA GLY C 139 -1.66 -9.19 16.25
C GLY C 139 -2.79 -9.74 17.11
N SER C 140 -2.41 -10.37 18.22
CA SER C 140 -3.35 -10.93 19.19
C SER C 140 -2.51 -11.11 20.45
N ARG C 141 -3.17 -11.42 21.58
CA ARG C 141 -2.49 -11.55 22.86
C ARG C 141 -1.44 -12.69 22.86
N GLY C 142 -0.24 -12.38 23.33
CA GLY C 142 0.89 -13.33 23.25
C GLY C 142 1.59 -13.25 21.90
N HIS C 143 0.99 -12.54 20.93
CA HIS C 143 1.55 -12.45 19.56
C HIS C 143 1.53 -11.02 19.04
N GLU C 144 1.99 -10.11 19.90
CA GLU C 144 2.05 -8.70 19.58
C GLU C 144 3.15 -8.39 18.56
N ARG C 145 2.96 -7.34 17.79
CA ARG C 145 3.94 -6.93 16.80
C ARG C 145 4.40 -5.53 17.15
N ARG C 146 5.65 -5.24 16.82
CA ARG C 146 6.26 -3.97 17.11
C ARG C 146 6.02 -3.00 15.92
N LEU C 147 5.81 -1.71 16.19
CA LEU C 147 5.54 -0.75 15.12
C LEU C 147 6.79 0.07 14.85
N THR C 148 7.26 0.08 13.59
CA THR C 148 8.57 0.63 13.30
C THR C 148 8.51 1.70 12.23
N ASN C 149 9.54 2.54 12.19
CA ASN C 149 9.65 3.65 11.21
C ASN C 149 8.51 4.63 11.38
N VAL C 150 8.26 4.93 12.65
CA VAL C 150 7.21 5.82 13.08
C VAL C 150 7.82 7.20 13.36
N ALA C 151 7.33 8.21 12.65
CA ALA C 151 7.84 9.56 12.85
C ALA C 151 7.30 10.11 14.15
N PRO C 152 8.04 11.03 14.80
CA PRO C 152 7.59 11.54 16.09
C PRO C 152 6.21 12.19 15.98
N GLY C 153 5.36 11.91 16.96
CA GLY C 153 4.05 12.49 17.04
C GLY C 153 4.07 14.00 17.22
N ILE C 154 3.17 14.68 16.50
CA ILE C 154 3.07 16.14 16.57
C ILE C 154 1.78 16.59 17.29
N ASP C 155 0.62 16.09 16.86
CA ASP C 155 -0.68 16.48 17.40
C ASP C 155 -1.05 15.49 18.52
N GLY C 156 -1.99 15.86 19.36
CA GLY C 156 -2.33 15.06 20.55
C GLY C 156 -2.75 13.62 20.28
N THR C 157 -3.38 13.41 19.13
CA THR C 157 -3.83 12.06 18.76
C THR C 157 -2.86 11.37 17.79
N ASP C 158 -1.60 11.80 17.74
CA ASP C 158 -0.59 11.05 17.00
C ASP C 158 0.07 10.08 17.97
N ALA C 159 0.65 9.00 17.44
CA ALA C 159 1.43 8.04 18.22
C ALA C 159 2.71 8.68 18.68
N ALA C 160 3.15 8.27 19.86
CA ALA C 160 4.44 8.66 20.43
C ALA C 160 5.46 7.59 20.09
N ASN C 161 6.65 7.97 19.61
CA ASN C 161 7.71 6.97 19.42
C ASN C 161 8.71 6.86 20.57
N MET C 162 9.67 5.95 20.46
CA MET C 162 10.56 5.67 21.59
C MET C 162 11.48 6.86 21.89
N ASN C 163 11.99 7.51 20.85
CA ASN C 163 12.76 8.74 21.02
C ASN C 163 12.01 9.77 21.85
N GLN C 164 10.72 9.95 21.62
CA GLN C 164 9.95 10.89 22.42
C GLN C 164 9.78 10.35 23.84
N LEU C 165 9.51 9.06 23.97
CA LEU C 165 9.38 8.47 25.30
C LEU C 165 10.69 8.62 26.11
N TRP C 166 11.84 8.45 25.46
CA TRP C 166 13.14 8.60 26.12
C TRP C 166 13.44 10.02 26.58
N GLY C 167 13.08 11.01 25.74
CA GLY C 167 13.23 12.41 26.08
C GLY C 167 12.35 12.84 27.25
N VAL C 168 11.27 12.09 27.48
CA VAL C 168 10.41 12.33 28.64
C VAL C 168 10.95 11.65 29.90
N GLN C 169 11.60 10.49 29.74
CA GLN C 169 12.27 9.82 30.87
C GLN C 169 13.48 10.61 31.42
N SER C 170 13.57 11.90 31.08
CA SER C 170 14.68 12.76 31.55
C SER C 170 14.22 13.98 32.39
N VAL D 16 39.10 -19.42 27.14
CA VAL D 16 39.08 -20.13 25.80
C VAL D 16 38.78 -21.65 25.82
N ARG D 17 37.55 -22.01 25.47
CA ARG D 17 37.11 -23.40 25.52
C ARG D 17 37.29 -24.12 24.15
N THR D 18 37.71 -25.39 24.20
CA THR D 18 37.88 -26.18 22.98
C THR D 18 37.22 -27.54 23.07
N SER D 19 36.85 -28.11 21.92
CA SER D 19 36.34 -29.50 21.89
C SER D 19 37.29 -30.34 21.04
N SER D 20 37.10 -31.66 21.09
CA SER D 20 37.87 -32.60 20.28
C SER D 20 37.37 -32.64 18.83
N LEU D 21 36.28 -31.92 18.56
CA LEU D 21 35.69 -31.94 17.24
C LEU D 21 35.91 -30.62 16.50
N GLY D 22 36.91 -29.87 16.96
CA GLY D 22 37.38 -28.66 16.33
C GLY D 22 36.66 -27.37 16.69
N ASP D 23 35.89 -27.38 17.78
CA ASP D 23 35.18 -26.19 18.27
C ASP D 23 36.05 -25.31 19.17
N THR D 24 35.82 -24.01 19.09
CA THR D 24 36.50 -22.99 19.92
C THR D 24 35.48 -21.94 20.37
N SER D 25 35.45 -21.64 21.68
CA SER D 25 34.55 -20.61 22.22
C SER D 25 35.32 -19.66 23.13
N ALA D 26 34.94 -18.39 23.12
CA ALA D 26 35.53 -17.41 24.03
C ALA D 26 34.55 -16.29 24.30
N GLY D 27 34.35 -15.98 25.58
CA GLY D 27 33.34 -15.00 25.97
C GLY D 27 32.31 -15.61 26.90
N ASN D 28 31.64 -14.74 27.63
CA ASN D 28 30.71 -15.18 28.64
C ASN D 28 29.48 -15.77 27.93
N GLY D 29 29.27 -17.08 28.08
CA GLY D 29 28.15 -17.74 27.40
C GLY D 29 28.38 -18.16 25.93
N ALA D 30 29.55 -17.84 25.39
CA ALA D 30 29.90 -18.23 24.00
C ALA D 30 29.91 -19.74 23.85
N ASN D 31 29.26 -20.21 22.79
CA ASN D 31 29.20 -21.63 22.56
C ASN D 31 29.21 -22.04 21.06
N ALA D 32 30.22 -22.82 20.68
CA ALA D 32 30.31 -23.45 19.37
C ALA D 32 30.06 -24.94 19.55
N SER D 33 28.94 -25.43 19.03
CA SER D 33 28.49 -26.79 19.27
C SER D 33 28.45 -27.67 18.00
N GLY D 34 28.40 -27.06 16.81
CA GLY D 34 28.13 -27.82 15.57
C GLY D 34 29.22 -28.70 14.97
N GLY D 35 30.45 -28.53 15.46
CA GLY D 35 31.62 -29.24 14.92
C GLY D 35 32.36 -28.25 14.04
N ASN D 36 33.68 -28.14 14.22
CA ASN D 36 34.48 -27.09 13.56
C ASN D 36 33.93 -25.65 13.74
N GLY D 37 33.31 -25.41 14.89
CA GLY D 37 32.67 -24.13 15.19
C GLY D 37 33.63 -23.17 15.87
N THR D 38 33.39 -21.87 15.67
CA THR D 38 34.13 -20.83 16.36
C THR D 38 33.08 -19.80 16.76
N ALA D 39 33.00 -19.53 18.06
CA ALA D 39 32.06 -18.53 18.61
C ALA D 39 32.84 -17.60 19.52
N VAL D 40 32.98 -16.33 19.14
CA VAL D 40 33.73 -15.39 19.97
C VAL D 40 32.92 -14.11 20.26
N GLY D 41 32.70 -13.88 21.56
CA GLY D 41 31.82 -12.83 22.02
C GLY D 41 30.80 -13.29 23.05
N GLY D 42 30.35 -12.34 23.88
CA GLY D 42 29.38 -12.63 24.91
C GLY D 42 28.09 -13.13 24.31
N ALA D 43 27.68 -14.32 24.70
CA ALA D 43 26.48 -14.98 24.17
C ALA D 43 26.56 -15.36 22.70
N ALA D 44 27.77 -15.38 22.14
CA ALA D 44 27.95 -15.75 20.75
C ALA D 44 27.73 -17.25 20.56
N SER D 45 27.06 -17.59 19.47
CA SER D 45 26.59 -18.94 19.25
C SER D 45 26.87 -19.39 17.81
N ALA D 46 27.59 -20.49 17.66
CA ALA D 46 27.77 -21.08 16.34
C ALA D 46 27.32 -22.54 16.43
N SER D 47 26.07 -22.80 16.05
CA SER D 47 25.47 -24.13 16.22
C SER D 47 25.36 -24.94 14.96
N GLY D 48 25.56 -24.33 13.79
CA GLY D 48 25.57 -25.13 12.55
C GLY D 48 26.91 -25.81 12.37
N THR D 49 26.97 -26.83 11.51
CA THR D 49 28.28 -27.45 11.25
C THR D 49 29.17 -26.43 10.54
N ASP D 50 30.48 -26.46 10.80
CA ASP D 50 31.44 -25.56 10.14
C ASP D 50 31.06 -24.05 10.22
N ALA D 51 30.55 -23.64 11.39
CA ALA D 51 29.95 -22.31 11.58
C ALA D 51 30.85 -21.36 12.37
N THR D 52 30.81 -20.08 12.01
CA THR D 52 31.70 -19.06 12.63
C THR D 52 30.90 -17.84 13.06
N ALA D 53 31.01 -17.47 14.35
CA ALA D 53 30.26 -16.37 14.93
C ALA D 53 31.21 -15.44 15.73
N LEU D 54 31.17 -14.13 15.41
CA LEU D 54 31.99 -13.12 16.05
C LEU D 54 31.14 -11.92 16.42
N GLY D 55 31.17 -11.55 17.70
CA GLY D 55 30.41 -10.41 18.21
C GLY D 55 29.43 -10.86 19.30
N GLN D 56 29.09 -9.93 20.18
CA GLN D 56 28.10 -10.20 21.21
C GLN D 56 26.76 -10.58 20.56
N ALA D 57 26.10 -11.61 21.10
CA ALA D 57 24.85 -12.15 20.53
C ALA D 57 24.91 -12.51 19.03
N SER D 58 26.10 -12.73 18.49
CA SER D 58 26.17 -13.20 17.12
C SER D 58 25.69 -14.64 17.04
N ASN D 59 25.13 -15.01 15.89
CA ASN D 59 24.43 -16.28 15.77
C ASN D 59 24.59 -16.91 14.37
N ALA D 60 25.47 -17.91 14.30
CA ALA D 60 25.68 -18.63 13.06
C ALA D 60 25.05 -20.02 13.23
N SER D 61 23.76 -20.12 12.95
CA SER D 61 23.01 -21.34 13.18
C SER D 61 22.81 -22.17 11.94
N GLY D 62 23.08 -21.61 10.77
CA GLY D 62 22.92 -22.38 9.56
C GLY D 62 24.12 -23.28 9.41
N ASN D 63 23.95 -24.38 8.68
CA ASN D 63 25.10 -25.20 8.33
C ASN D 63 26.00 -24.36 7.43
N HIS D 64 27.31 -24.39 7.71
CA HIS D 64 28.32 -23.63 6.96
C HIS D 64 28.07 -22.12 6.94
N SER D 65 27.56 -21.59 8.04
CA SER D 65 27.24 -20.16 8.08
C SER D 65 28.33 -19.37 8.79
N THR D 66 28.31 -18.06 8.57
CA THR D 66 29.30 -17.16 9.09
C THR D 66 28.57 -15.87 9.49
N ALA D 67 28.60 -15.54 10.78
CA ALA D 67 27.91 -14.34 11.28
C ALA D 67 28.88 -13.48 12.07
N LEU D 68 29.25 -12.33 11.48
CA LEU D 68 30.31 -11.44 12.03
C LEU D 68 29.81 -10.02 12.26
N GLY D 69 29.68 -9.66 13.54
CA GLY D 69 29.16 -8.37 13.95
C GLY D 69 28.20 -8.59 15.10
N GLN D 70 28.06 -7.57 15.93
CA GLN D 70 27.18 -7.65 17.09
C GLN D 70 25.75 -7.91 16.60
N ALA D 71 25.09 -8.89 17.21
CA ALA D 71 23.72 -9.24 16.84
C ALA D 71 23.58 -9.65 15.36
N SER D 72 24.67 -10.09 14.73
CA SER D 72 24.57 -10.59 13.35
C SER D 72 23.93 -11.97 13.37
N SER D 73 23.32 -12.36 12.27
CA SER D 73 22.60 -13.62 12.26
C SER D 73 22.68 -14.28 10.90
N ALA D 74 23.21 -15.49 10.88
CA ALA D 74 23.26 -16.20 9.60
C ALA D 74 22.62 -17.58 9.80
N SER D 75 21.32 -17.66 9.53
CA SER D 75 20.57 -18.87 9.88
C SER D 75 20.25 -19.76 8.68
N GLY D 76 20.44 -19.21 7.48
CA GLY D 76 20.23 -20.02 6.31
C GLY D 76 21.42 -20.94 6.17
N SER D 77 21.21 -22.03 5.44
CA SER D 77 22.28 -22.92 5.05
C SER D 77 23.24 -22.19 4.10
N GLY D 78 24.55 -22.31 4.34
CA GLY D 78 25.58 -21.62 3.53
C GLY D 78 25.43 -20.10 3.50
N SER D 79 25.01 -19.52 4.63
CA SER D 79 24.69 -18.10 4.70
C SER D 79 25.82 -17.32 5.35
N THR D 80 25.90 -16.03 5.02
CA THR D 80 26.98 -15.17 5.54
C THR D 80 26.38 -13.78 5.87
N ALA D 81 26.57 -13.32 7.10
CA ALA D 81 26.09 -12.00 7.52
C ALA D 81 27.22 -11.29 8.24
N VAL D 82 27.67 -10.17 7.68
CA VAL D 82 28.82 -9.46 8.25
C VAL D 82 28.39 -8.02 8.41
N GLY D 83 28.54 -7.46 9.62
CA GLY D 83 27.99 -6.13 9.91
C GLY D 83 27.07 -6.24 11.12
N GLN D 84 27.03 -5.18 11.92
CA GLN D 84 26.17 -5.19 13.10
C GLN D 84 24.74 -5.36 12.65
N GLY D 85 24.04 -6.32 13.24
CA GLY D 85 22.65 -6.55 12.89
C GLY D 85 22.39 -7.02 11.48
N ALA D 86 23.43 -7.41 10.75
CA ALA D 86 23.22 -7.96 9.40
C ALA D 86 22.52 -9.29 9.58
N GLY D 87 21.67 -9.62 8.61
CA GLY D 87 20.95 -10.89 8.67
C GLY D 87 21.02 -11.61 7.34
N ALA D 88 21.29 -12.91 7.38
CA ALA D 88 21.14 -13.74 6.18
C ALA D 88 20.38 -15.06 6.49
N PRO D 89 19.04 -15.00 6.58
CA PRO D 89 18.24 -16.18 6.87
C PRO D 89 17.94 -17.06 5.64
N GLY D 90 18.21 -16.55 4.44
CA GLY D 90 17.96 -17.34 3.23
C GLY D 90 19.07 -18.36 3.01
N ASP D 91 18.74 -19.52 2.41
CA ASP D 91 19.78 -20.48 2.02
C ASP D 91 20.60 -19.88 0.87
N GLY D 92 21.93 -19.95 0.96
CA GLY D 92 22.82 -19.36 -0.06
C GLY D 92 22.86 -17.83 -0.07
N ALA D 93 22.42 -17.24 1.04
CA ALA D 93 22.26 -15.79 1.18
C ALA D 93 23.49 -15.12 1.82
N SER D 94 23.86 -13.96 1.31
CA SER D 94 25.03 -13.24 1.83
C SER D 94 24.71 -11.76 1.99
N ALA D 95 24.93 -11.24 3.20
CA ALA D 95 24.59 -9.86 3.53
C ALA D 95 25.82 -9.17 4.07
N PHE D 96 26.09 -7.99 3.55
CA PHE D 96 27.25 -7.23 3.96
C PHE D 96 26.86 -5.79 4.24
N GLY D 97 27.09 -5.36 5.48
CA GLY D 97 26.71 -3.98 5.86
C GLY D 97 25.86 -3.99 7.11
N GLN D 98 25.98 -2.92 7.89
CA GLN D 98 25.18 -2.80 9.09
C GLN D 98 23.70 -2.82 8.70
N GLY D 99 22.93 -3.67 9.37
CA GLY D 99 21.48 -3.77 9.12
C GLY D 99 21.14 -4.39 7.75
N ALA D 100 22.13 -4.89 7.06
CA ALA D 100 21.85 -5.46 5.72
C ALA D 100 21.04 -6.74 5.89
N LEU D 101 20.12 -7.01 4.94
CA LEU D 101 19.26 -8.19 5.01
C LEU D 101 19.18 -8.94 3.66
N ALA D 102 19.65 -10.19 3.68
CA ALA D 102 19.56 -11.04 2.51
C ALA D 102 18.63 -12.21 2.89
N SER D 103 17.35 -12.02 2.62
CA SER D 103 16.33 -12.96 3.12
C SER D 103 15.89 -13.93 2.04
N GLY D 104 16.08 -13.56 0.77
CA GLY D 104 15.75 -14.46 -0.34
C GLY D 104 16.71 -15.64 -0.45
N THR D 105 16.23 -16.74 -1.00
CA THR D 105 17.12 -17.85 -1.39
C THR D 105 18.10 -17.35 -2.42
N ASP D 106 19.39 -17.68 -2.26
CA ASP D 106 20.45 -17.23 -3.20
C ASP D 106 20.52 -15.69 -3.37
N SER D 107 20.16 -14.96 -2.32
CA SER D 107 20.12 -13.50 -2.41
C SER D 107 21.42 -12.94 -1.84
N THR D 108 21.72 -11.70 -2.21
CA THR D 108 22.97 -11.07 -1.82
C THR D 108 22.75 -9.59 -1.59
N ALA D 109 23.00 -9.12 -0.37
CA ALA D 109 22.74 -7.73 -0.02
C ALA D 109 24.02 -7.03 0.41
N LEU D 110 24.44 -6.04 -0.36
CA LEU D 110 25.75 -5.40 -0.17
C LEU D 110 25.58 -3.91 0.06
N GLY D 111 25.57 -3.50 1.33
CA GLY D 111 25.40 -2.08 1.68
C GLY D 111 24.61 -1.96 2.97
N ALA D 112 24.93 -0.95 3.78
CA ALA D 112 24.18 -0.73 5.03
C ALA D 112 22.67 -0.66 4.72
N HIS D 113 21.87 -1.41 5.48
CA HIS D 113 20.42 -1.35 5.38
C HIS D 113 19.85 -1.68 4.01
N SER D 114 20.61 -2.43 3.22
CA SER D 114 20.12 -2.94 1.95
C SER D 114 19.26 -4.20 2.24
N THR D 115 18.31 -4.49 1.35
CA THR D 115 17.42 -5.63 1.52
C THR D 115 17.35 -6.37 0.19
N ALA D 116 17.82 -7.62 0.18
CA ALA D 116 17.68 -8.45 -1.01
C ALA D 116 16.66 -9.51 -0.65
N ALA D 117 15.41 -9.24 -1.02
CA ALA D 117 14.26 -10.01 -0.52
C ALA D 117 13.75 -11.08 -1.47
N ALA D 118 13.88 -10.85 -2.78
CA ALA D 118 13.33 -11.76 -3.78
C ALA D 118 14.33 -12.88 -4.03
N PRO D 119 13.87 -14.06 -4.49
CA PRO D 119 14.82 -15.14 -4.72
C PRO D 119 15.82 -14.75 -5.78
N ASN D 120 17.08 -15.12 -5.56
CA ASN D 120 18.14 -14.99 -6.54
C ASN D 120 18.40 -13.54 -6.95
N SER D 121 18.17 -12.62 -6.01
CA SER D 121 18.34 -11.20 -6.26
C SER D 121 19.61 -10.66 -5.57
N ALA D 122 20.06 -9.49 -5.99
CA ALA D 122 21.11 -8.78 -5.30
C ALA D 122 20.71 -7.34 -5.18
N ALA D 123 20.99 -6.77 -4.02
CA ALA D 123 20.84 -5.35 -3.76
C ALA D 123 22.24 -4.74 -3.57
N ILE D 124 22.56 -3.71 -4.33
CA ILE D 124 23.88 -3.11 -4.28
C ILE D 124 23.79 -1.64 -3.85
N GLY D 125 24.48 -1.30 -2.74
CA GLY D 125 24.52 0.08 -2.23
C GLY D 125 23.66 0.27 -0.99
N ALA D 126 23.98 1.27 -0.19
CA ALA D 126 23.23 1.59 1.02
C ALA D 126 21.74 1.77 0.73
N ASN D 127 20.89 1.14 1.56
CA ASN D 127 19.44 1.29 1.48
C ASN D 127 18.80 0.71 0.22
N SER D 128 19.60 0.06 -0.63
CA SER D 128 19.07 -0.55 -1.83
C SER D 128 18.09 -1.71 -1.53
N VAL D 129 17.07 -1.85 -2.37
CA VAL D 129 16.12 -2.95 -2.21
C VAL D 129 15.97 -3.74 -3.51
N ALA D 130 16.19 -5.04 -3.40
CA ALA D 130 15.97 -5.98 -4.52
C ALA D 130 14.74 -6.85 -4.26
N SER D 131 13.65 -6.52 -4.95
CA SER D 131 12.39 -7.14 -4.61
C SER D 131 11.81 -7.84 -5.83
N ALA D 132 12.59 -7.92 -6.89
CA ALA D 132 12.26 -8.72 -8.07
C ALA D 132 13.21 -9.92 -8.18
N PRO D 133 12.69 -11.11 -8.55
CA PRO D 133 13.59 -12.27 -8.63
C PRO D 133 14.58 -12.15 -9.79
N ASN D 134 15.75 -12.78 -9.67
CA ASN D 134 16.73 -12.78 -10.78
C ASN D 134 17.07 -11.37 -11.26
N SER D 135 17.30 -10.47 -10.31
CA SER D 135 17.60 -9.10 -10.62
C SER D 135 18.67 -8.53 -9.67
N VAL D 136 19.31 -7.44 -10.11
CA VAL D 136 20.26 -6.72 -9.29
C VAL D 136 19.74 -5.31 -9.24
N SER D 137 19.35 -4.90 -8.03
CA SER D 137 18.91 -3.52 -7.77
C SER D 137 20.06 -2.62 -7.31
N PHE D 138 20.14 -1.43 -7.91
CA PHE D 138 21.11 -0.39 -7.51
C PHE D 138 20.53 0.77 -6.66
N GLY D 139 19.32 0.57 -6.13
CA GLY D 139 18.65 1.54 -5.26
C GLY D 139 17.24 1.09 -4.92
N SER D 140 16.29 1.97 -5.15
CA SER D 140 14.89 1.71 -5.02
C SER D 140 14.18 2.80 -5.79
N ARG D 141 12.83 2.72 -5.85
CA ARG D 141 12.02 3.63 -6.66
C ARG D 141 12.21 5.06 -6.16
N GLY D 142 12.49 5.98 -7.07
CA GLY D 142 12.79 7.37 -6.68
C GLY D 142 14.19 7.58 -6.10
N HIS D 143 14.95 6.49 -5.92
CA HIS D 143 16.30 6.51 -5.34
C HIS D 143 17.25 5.69 -6.26
N GLU D 144 17.18 5.99 -7.55
CA GLU D 144 17.92 5.24 -8.53
C GLU D 144 19.38 5.70 -8.48
N ARG D 145 20.28 4.88 -9.00
CA ARG D 145 21.69 5.27 -9.10
C ARG D 145 22.21 5.15 -10.56
N ARG D 146 23.09 6.08 -10.95
CA ARG D 146 23.66 6.11 -12.28
C ARG D 146 24.82 5.09 -12.34
N LEU D 147 24.92 4.34 -13.43
CA LEU D 147 26.02 3.37 -13.51
C LEU D 147 27.18 3.95 -14.34
N THR D 148 28.38 3.94 -13.79
CA THR D 148 29.50 4.67 -14.42
C THR D 148 30.74 3.81 -14.69
N ASN D 149 31.59 4.28 -15.58
CA ASN D 149 32.79 3.57 -15.99
C ASN D 149 32.44 2.20 -16.57
N VAL D 150 31.48 2.23 -17.49
CA VAL D 150 30.94 1.03 -18.13
C VAL D 150 31.53 0.94 -19.54
N ALA D 151 32.36 -0.07 -19.77
CA ALA D 151 32.92 -0.29 -21.10
C ALA D 151 31.79 -0.71 -22.06
N PRO D 152 31.91 -0.37 -23.36
CA PRO D 152 30.82 -0.68 -24.30
C PRO D 152 30.58 -2.19 -24.38
N GLY D 153 29.33 -2.60 -24.42
CA GLY D 153 28.98 -4.01 -24.54
C GLY D 153 29.36 -4.66 -25.86
N ILE D 154 29.53 -5.97 -25.85
CA ILE D 154 29.92 -6.67 -27.07
C ILE D 154 28.92 -7.77 -27.47
N ASP D 155 28.48 -8.56 -26.50
CA ASP D 155 27.51 -9.63 -26.77
C ASP D 155 26.09 -9.21 -26.40
N GLY D 156 25.11 -9.98 -26.86
CA GLY D 156 23.71 -9.62 -26.66
C GLY D 156 23.30 -9.28 -25.23
N THR D 157 23.84 -10.03 -24.26
CA THR D 157 23.54 -9.87 -22.83
C THR D 157 24.58 -9.00 -22.06
N ASP D 158 25.33 -8.19 -22.78
CA ASP D 158 26.13 -7.12 -22.18
C ASP D 158 25.29 -5.84 -22.10
N ALA D 159 25.58 -5.00 -21.09
CA ALA D 159 24.95 -3.69 -20.97
C ALA D 159 25.46 -2.78 -22.08
N ALA D 160 24.56 -1.91 -22.56
CA ALA D 160 24.89 -0.88 -23.57
C ALA D 160 25.21 0.41 -22.81
N ASN D 161 26.19 1.17 -23.27
CA ASN D 161 26.50 2.46 -22.61
C ASN D 161 26.00 3.62 -23.45
N MET D 162 26.16 4.84 -22.96
CA MET D 162 25.62 6.02 -23.63
C MET D 162 26.27 6.26 -24.97
N ASN D 163 27.59 6.07 -25.07
CA ASN D 163 28.28 6.15 -26.39
C ASN D 163 27.55 5.26 -27.39
N GLN D 164 27.18 4.05 -26.98
CA GLN D 164 26.55 3.15 -27.94
C GLN D 164 25.15 3.62 -28.29
N LEU D 165 24.44 4.15 -27.29
CA LEU D 165 23.11 4.63 -27.54
C LEU D 165 23.15 5.87 -28.46
N TRP D 166 24.09 6.80 -28.23
CA TRP D 166 24.22 7.98 -29.08
C TRP D 166 24.58 7.57 -30.52
N GLY D 167 25.37 6.50 -30.65
CA GLY D 167 25.70 5.90 -31.94
C GLY D 167 24.45 5.56 -32.78
N VAL D 168 23.44 4.95 -32.14
CA VAL D 168 22.15 4.66 -32.81
C VAL D 168 21.32 5.92 -33.05
N GLN D 169 21.21 6.79 -32.05
CA GLN D 169 20.50 8.06 -32.24
C GLN D 169 21.06 8.81 -33.47
N SER D 170 22.38 8.74 -33.67
CA SER D 170 23.03 9.40 -34.80
C SER D 170 22.71 8.84 -36.18
N SER D 171 22.31 7.57 -36.23
CA SER D 171 21.76 6.96 -37.44
C SER D 171 20.44 7.64 -37.84
N VAL D 172 19.55 7.81 -36.86
CA VAL D 172 18.31 8.53 -37.07
C VAL D 172 18.58 10.03 -37.30
N ASP D 173 19.12 10.70 -36.27
CA ASP D 173 19.30 12.17 -36.23
C ASP D 173 20.32 12.67 -37.26
N VAL E 16 13.82 44.11 5.08
CA VAL E 16 13.07 43.97 3.76
C VAL E 16 14.00 43.84 2.56
N ARG E 17 13.99 42.67 1.93
CA ARG E 17 14.87 42.35 0.80
C ARG E 17 14.06 42.37 -0.49
N THR E 18 14.62 43.04 -1.49
CA THR E 18 13.91 43.20 -2.74
C THR E 18 14.81 42.75 -3.91
N SER E 19 14.19 42.51 -5.06
CA SER E 19 14.94 42.14 -6.25
C SER E 19 14.44 42.96 -7.41
N SER E 20 15.27 43.09 -8.46
CA SER E 20 14.90 43.88 -9.62
C SER E 20 13.84 43.22 -10.50
N LEU E 21 13.47 42.00 -10.17
CA LEU E 21 12.37 41.32 -10.84
C LEU E 21 11.11 41.21 -9.97
N GLY E 22 10.86 42.17 -9.09
CA GLY E 22 9.60 42.27 -8.39
C GLY E 22 9.45 41.38 -7.18
N ASP E 23 10.56 40.85 -6.67
CA ASP E 23 10.54 40.00 -5.47
C ASP E 23 10.71 40.83 -4.18
N THR E 24 10.00 40.40 -3.13
CA THR E 24 10.08 40.98 -1.80
C THR E 24 10.08 39.87 -0.79
N SER E 25 11.01 39.91 0.18
CA SER E 25 10.94 38.97 1.32
C SER E 25 11.32 39.64 2.64
N ALA E 26 10.78 39.12 3.75
CA ALA E 26 11.03 39.68 5.08
C ALA E 26 10.81 38.57 6.08
N GLY E 27 11.63 38.55 7.12
CA GLY E 27 11.62 37.45 8.11
C GLY E 27 12.90 36.64 7.95
N ASN E 28 13.29 35.90 9.01
CA ASN E 28 14.53 35.14 9.00
C ASN E 28 14.46 34.01 8.00
N GLY E 29 15.36 34.03 7.01
CA GLY E 29 15.41 33.02 5.95
C GLY E 29 14.25 33.04 4.95
N ALA E 30 13.43 34.07 4.97
CA ALA E 30 12.38 34.25 3.97
C ALA E 30 13.02 34.49 2.59
N ASN E 31 12.50 33.83 1.57
CA ASN E 31 13.01 34.03 0.20
C ASN E 31 11.92 33.96 -0.87
N ALA E 32 11.90 34.96 -1.73
CA ALA E 32 11.03 34.99 -2.89
C ALA E 32 11.97 34.98 -4.07
N SER E 33 11.99 33.89 -4.83
CA SER E 33 13.00 33.75 -5.86
C SER E 33 12.42 33.66 -7.27
N GLY E 34 11.10 33.55 -7.38
CA GLY E 34 10.49 33.20 -8.68
C GLY E 34 10.25 34.29 -9.70
N GLY E 35 10.30 35.56 -9.30
CA GLY E 35 9.87 36.64 -10.20
C GLY E 35 8.50 37.08 -9.72
N ASN E 36 8.37 38.37 -9.40
CA ASN E 36 7.15 38.91 -8.80
C ASN E 36 6.68 38.11 -7.58
N GLY E 37 7.64 37.61 -6.80
CA GLY E 37 7.34 36.81 -5.64
C GLY E 37 7.34 37.65 -4.37
N THR E 38 6.62 37.16 -3.38
CA THR E 38 6.55 37.83 -2.10
C THR E 38 6.54 36.74 -1.02
N ALA E 39 7.44 36.86 -0.04
CA ALA E 39 7.55 35.86 1.00
C ALA E 39 7.77 36.55 2.33
N VAL E 40 6.81 36.43 3.22
CA VAL E 40 6.86 37.12 4.52
C VAL E 40 6.54 36.16 5.66
N GLY E 41 7.51 36.01 6.56
CA GLY E 41 7.44 35.05 7.67
C GLY E 41 8.76 34.29 7.78
N GLY E 42 9.06 33.79 8.98
CA GLY E 42 10.24 32.91 9.22
C GLY E 42 10.23 31.72 8.26
N ALA E 43 11.35 31.51 7.57
CA ALA E 43 11.51 30.50 6.51
C ALA E 43 10.40 30.48 5.42
N ALA E 44 9.66 31.58 5.26
CA ALA E 44 8.63 31.67 4.21
C ALA E 44 9.31 31.52 2.84
N SER E 45 8.68 30.79 1.95
CA SER E 45 9.31 30.53 0.69
C SER E 45 8.32 30.75 -0.45
N ALA E 46 8.71 31.58 -1.42
CA ALA E 46 7.93 31.73 -2.65
C ALA E 46 8.80 31.51 -3.89
N SER E 47 8.85 30.29 -4.37
CA SER E 47 9.78 29.91 -5.42
C SER E 47 9.09 29.78 -6.79
N GLY E 48 7.76 29.67 -6.80
CA GLY E 48 7.04 29.63 -8.09
C GLY E 48 7.07 31.01 -8.75
N THR E 49 6.82 31.09 -10.04
CA THR E 49 6.58 32.40 -10.66
C THR E 49 5.32 33.07 -10.10
N ASP E 50 5.36 34.39 -9.85
CA ASP E 50 4.20 35.13 -9.28
C ASP E 50 3.63 34.48 -8.02
N ALA E 51 4.50 33.99 -7.15
CA ALA E 51 4.10 33.28 -5.94
C ALA E 51 4.08 34.19 -4.73
N THR E 52 3.15 33.90 -3.80
CA THR E 52 3.00 34.73 -2.61
C THR E 52 2.87 33.82 -1.40
N ALA E 53 3.73 34.03 -0.40
CA ALA E 53 3.77 33.22 0.82
C ALA E 53 3.77 34.13 2.05
N LEU E 54 2.82 33.90 2.97
CA LEU E 54 2.76 34.64 4.20
C LEU E 54 2.56 33.67 5.34
N GLY E 55 3.42 33.81 6.36
CA GLY E 55 3.35 32.97 7.52
C GLY E 55 4.65 32.19 7.64
N GLN E 56 4.98 31.78 8.86
CA GLN E 56 6.21 31.01 9.12
C GLN E 56 6.08 29.62 8.43
N ALA E 57 7.14 29.22 7.73
CA ALA E 57 7.15 27.97 6.94
C ALA E 57 6.13 27.89 5.82
N SER E 58 5.52 29.01 5.43
CA SER E 58 4.60 28.99 4.30
C SER E 58 5.41 28.76 3.01
N ASN E 59 4.81 28.05 2.05
CA ASN E 59 5.57 27.64 0.90
C ASN E 59 4.67 27.67 -0.34
N ALA E 60 4.91 28.66 -1.18
CA ALA E 60 4.20 28.82 -2.45
C ALA E 60 5.16 28.46 -3.57
N SER E 61 5.28 27.16 -3.83
CA SER E 61 6.26 26.65 -4.75
C SER E 61 5.70 26.43 -6.16
N GLY E 62 4.38 26.32 -6.31
CA GLY E 62 3.81 26.18 -7.65
C GLY E 62 3.84 27.55 -8.33
N ASN E 63 3.89 27.55 -9.66
CA ASN E 63 3.77 28.80 -10.41
C ASN E 63 2.38 29.36 -10.19
N HIS E 64 2.31 30.69 -10.02
CA HIS E 64 1.05 31.41 -9.75
C HIS E 64 0.36 30.90 -8.48
N SER E 65 1.16 30.46 -7.52
CA SER E 65 0.57 29.93 -6.28
C SER E 65 0.55 30.97 -5.14
N THR E 66 -0.29 30.71 -4.14
CA THR E 66 -0.54 31.62 -3.02
C THR E 66 -0.72 30.77 -1.72
N ALA E 67 0.16 30.95 -0.74
CA ALA E 67 0.12 30.17 0.50
C ALA E 67 0.13 31.13 1.69
N LEU E 68 -1.02 31.28 2.34
CA LEU E 68 -1.19 32.27 3.40
C LEU E 68 -1.61 31.52 4.68
N GLY E 69 -0.75 31.56 5.69
CA GLY E 69 -1.00 30.82 6.93
C GLY E 69 0.29 30.13 7.31
N GLN E 70 0.50 29.96 8.61
CA GLN E 70 1.66 29.21 9.09
C GLN E 70 1.62 27.78 8.54
N ALA E 71 2.77 27.31 8.04
CA ALA E 71 2.88 25.99 7.39
C ALA E 71 1.89 25.70 6.29
N SER E 72 1.37 26.75 5.64
CA SER E 72 0.54 26.52 4.48
C SER E 72 1.42 26.13 3.29
N SER E 73 0.84 25.38 2.36
CA SER E 73 1.60 24.92 1.23
C SER E 73 0.75 24.91 -0.02
N ALA E 74 1.26 25.54 -1.07
CA ALA E 74 0.56 25.59 -2.35
C ALA E 74 1.56 25.23 -3.44
N SER E 75 1.60 23.94 -3.81
CA SER E 75 2.65 23.43 -4.66
C SER E 75 2.14 23.07 -6.03
N GLY E 76 0.81 23.03 -6.19
CA GLY E 76 0.24 22.76 -7.51
C GLY E 76 0.35 24.04 -8.34
N SER E 77 0.33 23.87 -9.65
CA SER E 77 0.29 25.01 -10.55
C SER E 77 -1.04 25.73 -10.37
N GLY E 78 -0.99 27.05 -10.18
CA GLY E 78 -2.22 27.83 -9.97
C GLY E 78 -2.97 27.46 -8.68
N SER E 79 -2.23 27.08 -7.63
CA SER E 79 -2.87 26.62 -6.39
C SER E 79 -2.93 27.74 -5.39
N THR E 80 -3.85 27.62 -4.42
CA THR E 80 -4.06 28.61 -3.42
C THR E 80 -4.41 27.90 -2.15
N ALA E 81 -3.69 28.22 -1.09
CA ALA E 81 -3.93 27.56 0.20
C ALA E 81 -3.90 28.64 1.27
N VAL E 82 -5.03 28.79 1.97
CA VAL E 82 -5.23 29.86 2.93
C VAL E 82 -5.81 29.31 4.23
N GLY E 83 -5.08 29.51 5.33
CA GLY E 83 -5.39 28.94 6.65
C GLY E 83 -4.17 28.21 7.16
N GLN E 84 -4.05 28.08 8.48
CA GLN E 84 -2.89 27.41 9.05
C GLN E 84 -2.92 25.94 8.64
N GLY E 85 -1.79 25.46 8.12
CA GLY E 85 -1.62 24.06 7.69
C GLY E 85 -2.44 23.69 6.46
N ALA E 86 -2.99 24.69 5.79
CA ALA E 86 -3.75 24.46 4.54
C ALA E 86 -2.81 23.94 3.46
N GLY E 87 -3.34 23.09 2.58
CA GLY E 87 -2.54 22.55 1.48
C GLY E 87 -3.33 22.45 0.18
N ALA E 88 -2.70 22.83 -0.92
CA ALA E 88 -3.27 22.68 -2.23
C ALA E 88 -2.19 22.11 -3.17
N PRO E 89 -1.94 20.78 -3.13
CA PRO E 89 -0.90 20.26 -4.05
C PRO E 89 -1.41 19.99 -5.47
N GLY E 90 -2.73 19.99 -5.67
CA GLY E 90 -3.28 19.81 -7.01
C GLY E 90 -3.12 21.05 -7.87
N ASP E 91 -2.94 20.86 -9.18
CA ASP E 91 -2.98 21.99 -10.10
C ASP E 91 -4.42 22.52 -10.13
N GLY E 92 -4.58 23.85 -10.16
CA GLY E 92 -5.94 24.45 -10.08
C GLY E 92 -6.66 24.24 -8.74
N ALA E 93 -5.94 23.80 -7.71
CA ALA E 93 -6.59 23.50 -6.42
C ALA E 93 -6.63 24.72 -5.50
N SER E 94 -7.70 24.82 -4.73
CA SER E 94 -7.85 25.93 -3.80
C SER E 94 -8.40 25.44 -2.47
N ALA E 95 -7.64 25.68 -1.40
CA ALA E 95 -8.02 25.25 -0.06
C ALA E 95 -8.19 26.45 0.86
N PHE E 96 -9.33 26.53 1.52
CA PHE E 96 -9.59 27.59 2.49
C PHE E 96 -10.01 27.00 3.86
N GLY E 97 -9.30 27.36 4.92
CA GLY E 97 -9.63 26.89 6.25
C GLY E 97 -8.44 26.19 6.90
N GLN E 98 -8.37 26.23 8.22
CA GLN E 98 -7.24 25.57 8.89
C GLN E 98 -7.25 24.05 8.56
N GLY E 99 -6.11 23.52 8.12
CA GLY E 99 -5.95 22.06 7.82
C GLY E 99 -6.81 21.59 6.63
N ALA E 100 -7.33 22.55 5.86
CA ALA E 100 -8.03 22.24 4.60
C ALA E 100 -7.04 21.73 3.56
N LEU E 101 -7.47 20.72 2.82
CA LEU E 101 -6.63 20.11 1.79
C LEU E 101 -7.38 19.97 0.46
N ALA E 102 -6.87 20.64 -0.57
CA ALA E 102 -7.39 20.50 -1.91
C ALA E 102 -6.33 19.78 -2.73
N SER E 103 -6.44 18.47 -2.79
CA SER E 103 -5.38 17.69 -3.42
C SER E 103 -5.71 17.23 -4.82
N GLY E 104 -6.99 17.09 -5.14
CA GLY E 104 -7.39 16.72 -6.50
C GLY E 104 -7.05 17.86 -7.48
N THR E 105 -6.76 17.49 -8.74
CA THR E 105 -6.67 18.46 -9.83
C THR E 105 -8.00 19.22 -9.91
N ASP E 106 -7.94 20.55 -10.01
CA ASP E 106 -9.14 21.40 -10.12
C ASP E 106 -10.12 21.27 -8.94
N SER E 107 -9.59 20.95 -7.76
CA SER E 107 -10.39 20.74 -6.56
C SER E 107 -10.42 22.00 -5.70
N THR E 108 -11.46 22.10 -4.87
CA THR E 108 -11.71 23.25 -4.00
C THR E 108 -12.22 22.74 -2.63
N ALA E 109 -11.49 23.09 -1.57
CA ALA E 109 -11.90 22.69 -0.23
C ALA E 109 -12.15 23.95 0.58
N LEU E 110 -13.36 24.07 1.11
CA LEU E 110 -13.78 25.28 1.80
C LEU E 110 -14.33 24.91 3.17
N GLY E 111 -13.51 25.07 4.21
CA GLY E 111 -13.92 24.77 5.57
C GLY E 111 -12.77 24.08 6.27
N ALA E 112 -12.63 24.30 7.57
CA ALA E 112 -11.53 23.72 8.33
C ALA E 112 -11.53 22.19 8.23
N HIS E 113 -10.35 21.60 8.06
CA HIS E 113 -10.20 20.14 7.95
C HIS E 113 -11.13 19.52 6.88
N SER E 114 -11.45 20.28 5.84
CA SER E 114 -12.15 19.69 4.69
C SER E 114 -11.10 19.13 3.73
N THR E 115 -11.51 18.20 2.89
CA THR E 115 -10.64 17.49 1.99
C THR E 115 -11.33 17.32 0.64
N ALA E 116 -10.88 18.05 -0.37
CA ALA E 116 -11.36 17.81 -1.73
C ALA E 116 -10.29 16.98 -2.44
N ALA E 117 -10.51 15.67 -2.45
CA ALA E 117 -9.48 14.71 -2.86
C ALA E 117 -9.64 14.32 -4.29
N ALA E 118 -10.88 14.11 -4.75
CA ALA E 118 -11.12 13.61 -6.12
C ALA E 118 -10.92 14.71 -7.18
N PRO E 119 -10.57 14.35 -8.43
CA PRO E 119 -10.45 15.38 -9.50
C PRO E 119 -11.76 16.17 -9.75
N ASN E 120 -11.62 17.48 -9.92
CA ASN E 120 -12.76 18.37 -10.23
C ASN E 120 -13.89 18.40 -9.16
N SER E 121 -13.52 18.15 -7.90
CA SER E 121 -14.48 18.06 -6.81
C SER E 121 -14.39 19.29 -5.88
N ALA E 122 -15.38 19.46 -5.02
CA ALA E 122 -15.34 20.52 -4.04
C ALA E 122 -15.89 19.99 -2.74
N ALA E 123 -15.26 20.40 -1.65
CA ALA E 123 -15.73 19.99 -0.33
C ALA E 123 -16.17 21.23 0.44
N ILE E 124 -17.43 21.26 0.88
CA ILE E 124 -17.94 22.48 1.54
C ILE E 124 -18.33 22.19 2.96
N GLY E 125 -17.82 22.98 3.93
CA GLY E 125 -18.14 22.81 5.34
C GLY E 125 -16.96 22.19 6.07
N ALA E 126 -16.78 22.55 7.34
CA ALA E 126 -15.83 21.85 8.24
C ALA E 126 -15.93 20.31 8.10
N ASN E 127 -14.77 19.65 8.03
CA ASN E 127 -14.66 18.20 7.98
C ASN E 127 -15.32 17.54 6.76
N SER E 128 -15.76 18.33 5.78
CA SER E 128 -16.36 17.72 4.59
C SER E 128 -15.31 17.00 3.76
N VAL E 129 -15.73 15.89 3.14
CA VAL E 129 -14.84 15.13 2.28
C VAL E 129 -15.50 14.95 0.93
N ALA E 130 -14.77 15.28 -0.12
CA ALA E 130 -15.24 15.06 -1.48
C ALA E 130 -14.35 13.98 -2.09
N SER E 131 -14.90 12.78 -2.28
CA SER E 131 -14.04 11.70 -2.77
C SER E 131 -14.56 11.11 -4.08
N ALA E 132 -15.58 11.75 -4.67
CA ALA E 132 -16.06 11.40 -6.00
C ALA E 132 -15.72 12.52 -6.97
N PRO E 133 -15.31 12.16 -8.18
CA PRO E 133 -14.93 13.21 -9.11
C PRO E 133 -16.14 14.00 -9.58
N ASN E 134 -15.95 15.26 -9.95
CA ASN E 134 -17.06 16.05 -10.50
C ASN E 134 -18.24 16.18 -9.51
N SER E 135 -17.95 16.30 -8.23
CA SER E 135 -19.01 16.40 -7.25
C SER E 135 -18.67 17.46 -6.21
N VAL E 136 -19.70 17.96 -5.54
CA VAL E 136 -19.59 18.91 -4.44
C VAL E 136 -20.19 18.25 -3.20
N SER E 137 -19.35 18.01 -2.17
CA SER E 137 -19.78 17.35 -0.96
C SER E 137 -19.99 18.37 0.15
N PHE E 138 -21.12 18.22 0.83
CA PHE E 138 -21.46 19.14 1.91
C PHE E 138 -21.24 18.46 3.25
N GLY E 139 -20.48 17.35 3.24
CA GLY E 139 -20.23 16.59 4.47
C GLY E 139 -19.50 15.29 4.20
N SER E 140 -19.96 14.22 4.82
CA SER E 140 -19.43 12.88 4.63
C SER E 140 -20.53 11.89 5.06
N ARG E 141 -20.36 10.62 4.73
CA ARG E 141 -21.28 9.56 5.20
C ARG E 141 -21.53 9.66 6.70
N GLY E 142 -22.81 9.72 7.07
CA GLY E 142 -23.20 9.83 8.49
C GLY E 142 -23.10 11.25 9.03
N HIS E 143 -22.61 12.18 8.21
CA HIS E 143 -22.40 13.60 8.58
C HIS E 143 -22.90 14.53 7.48
N GLU E 144 -24.08 14.21 6.95
CA GLU E 144 -24.67 14.96 5.87
C GLU E 144 -25.15 16.31 6.37
N ARG E 145 -25.32 17.28 5.47
CA ARG E 145 -25.88 18.56 5.84
C ARG E 145 -27.08 18.91 4.97
N ARG E 146 -28.08 19.54 5.57
CA ARG E 146 -29.25 19.98 4.83
C ARG E 146 -28.85 21.23 4.02
N LEU E 147 -29.37 21.34 2.80
CA LEU E 147 -29.21 22.55 1.98
C LEU E 147 -30.47 23.37 2.15
N THR E 148 -30.31 24.66 2.54
CA THR E 148 -31.42 25.50 2.93
C THR E 148 -31.45 26.83 2.18
N ASN E 149 -32.63 27.48 2.20
CA ASN E 149 -32.82 28.73 1.50
C ASN E 149 -32.52 28.54 0.02
N VAL E 150 -33.07 27.46 -0.51
CA VAL E 150 -32.95 27.10 -1.91
C VAL E 150 -34.24 27.52 -2.65
N ALA E 151 -34.12 28.48 -3.57
CA ALA E 151 -35.21 28.85 -4.46
C ALA E 151 -35.59 27.66 -5.37
N PRO E 152 -36.88 27.59 -5.79
CA PRO E 152 -37.34 26.45 -6.60
C PRO E 152 -36.59 26.39 -7.90
N GLY E 153 -36.23 25.19 -8.33
CA GLY E 153 -35.47 25.02 -9.56
C GLY E 153 -36.32 25.34 -10.79
N ILE E 154 -35.69 25.87 -11.83
CA ILE E 154 -36.40 26.28 -13.04
C ILE E 154 -35.94 25.45 -14.23
N ASP E 155 -34.62 25.29 -14.43
CA ASP E 155 -34.07 24.49 -15.54
C ASP E 155 -33.80 23.05 -15.15
N GLY E 156 -33.69 22.17 -16.15
CA GLY E 156 -33.42 20.75 -15.93
C GLY E 156 -32.33 20.46 -14.91
N THR E 157 -31.21 21.17 -14.99
CA THR E 157 -30.09 20.97 -14.07
C THR E 157 -30.08 21.97 -12.87
N ASP E 158 -31.25 22.45 -12.47
CA ASP E 158 -31.40 23.17 -11.23
C ASP E 158 -31.81 22.17 -10.14
N ALA E 159 -31.42 22.39 -8.89
CA ALA E 159 -31.85 21.51 -7.80
C ALA E 159 -33.35 21.67 -7.55
N ALA E 160 -33.97 20.59 -7.11
CA ALA E 160 -35.38 20.61 -6.71
C ALA E 160 -35.50 20.89 -5.19
N ASN E 161 -36.41 21.76 -4.79
CA ASN E 161 -36.63 21.93 -3.36
C ASN E 161 -37.83 21.15 -2.85
N MET E 162 -38.10 21.21 -1.54
CA MET E 162 -39.14 20.38 -0.92
C MET E 162 -40.53 20.80 -1.35
N ASN E 163 -40.75 22.11 -1.48
CA ASN E 163 -42.03 22.60 -2.00
C ASN E 163 -42.34 21.93 -3.35
N GLN E 164 -41.32 21.85 -4.21
CA GLN E 164 -41.48 21.22 -5.53
C GLN E 164 -41.76 19.72 -5.42
N LEU E 165 -41.09 19.05 -4.48
CA LEU E 165 -41.29 17.61 -4.31
C LEU E 165 -42.69 17.33 -3.75
N TRP E 166 -43.16 18.20 -2.86
CA TRP E 166 -44.46 18.02 -2.24
C TRP E 166 -45.59 18.26 -3.23
N GLY E 167 -45.37 19.20 -4.15
CA GLY E 167 -46.28 19.45 -5.25
C GLY E 167 -46.49 18.19 -6.06
N VAL E 168 -45.40 17.47 -6.35
CA VAL E 168 -45.53 16.19 -7.06
C VAL E 168 -46.25 15.15 -6.21
N GLN E 169 -45.90 15.05 -4.92
CA GLN E 169 -46.52 14.07 -4.04
C GLN E 169 -48.05 14.28 -3.99
N SER E 170 -48.49 15.55 -4.01
CA SER E 170 -49.90 15.90 -4.01
C SER E 170 -50.70 15.32 -5.16
N SER E 171 -50.21 15.52 -6.39
CA SER E 171 -50.84 14.97 -7.60
C SER E 171 -50.42 13.52 -7.91
#